data_3DZD
#
_entry.id   3DZD
#
_cell.length_a   89.897
_cell.length_b   93.105
_cell.length_c   114.163
_cell.angle_alpha   90.000
_cell.angle_beta   90.000
_cell.angle_gamma   90.000
#
_symmetry.space_group_name_H-M   'P 21 21 21'
#
loop_
_entity.id
_entity.type
_entity.pdbx_description
1 polymer 'Transcriptional regulator (NtrC family)'
2 non-polymer "ADENOSINE-5'-DIPHOSPHATE"
3 non-polymer 'SODIUM ION'
4 water water
#
_entity_poly.entity_id   1
_entity_poly.type   'polypeptide(L)'
_entity_poly.pdbx_seq_one_letter_code
;KRVLVVDDEESITSSLSAILEEEGYHPDTAKTLREAEKKIKELFFPVIVLDVW(MSE)PDGDGVNFIDFIKENSPDSVVI
VITGHGSVDTAVKAIKKGAYEFLEKPFSVERFLLTIKHAFEEYSKKAPPQEEIEFVGEHPKILEIKRLIPKIAKSKAPVL
ITGESGTGKEIVARLIHRYSGRKGAFVDLNCASIPQELAESELFGHEKGAFTGALTRKKGKLELADQGTLFLDEVGELDQ
RVQAKLLRVLETGSFTRLGGNQKIEVDIRVISATNKNLEEEIKKGNFREDLYYRLSVFQIYLPPLRERGKDVILLAEYFL
KKFAKEYKKNCFELSEETKEYL(MSE)KQEWKGNVRELKNLIERAVILCEGEVIKP
;
_entity_poly.pdbx_strand_id   A,B
#
loop_
_chem_comp.id
_chem_comp.type
_chem_comp.name
_chem_comp.formula
ADP non-polymer ADENOSINE-5'-DIPHOSPHATE 'C10 H15 N5 O10 P2'
NA non-polymer 'SODIUM ION' 'Na 1'
#
# COMPACT_ATOMS: atom_id res chain seq x y z
N LYS A 1 -20.57 -0.89 -11.91
CA LYS A 1 -19.62 -0.52 -12.94
C LYS A 1 -20.29 0.31 -14.03
N ARG A 2 -20.31 1.63 -13.83
CA ARG A 2 -20.96 2.51 -14.79
C ARG A 2 -20.02 3.01 -15.88
N VAL A 3 -20.56 3.26 -17.06
CA VAL A 3 -19.80 3.82 -18.18
C VAL A 3 -20.66 4.80 -18.96
N LEU A 4 -20.22 6.04 -19.05
CA LEU A 4 -20.96 7.04 -19.82
C LEU A 4 -20.39 7.12 -21.22
N VAL A 5 -21.25 6.93 -22.22
CA VAL A 5 -20.84 7.01 -23.62
C VAL A 5 -21.39 8.28 -24.25
N VAL A 6 -20.48 9.19 -24.62
CA VAL A 6 -20.84 10.46 -25.23
C VAL A 6 -20.51 10.46 -26.73
N ASP A 7 -21.53 10.51 -27.58
CA ASP A 7 -21.32 10.48 -29.02
C ASP A 7 -22.54 10.92 -29.82
N ASP A 8 -22.28 11.47 -31.00
CA ASP A 8 -23.32 11.99 -31.88
C ASP A 8 -24.10 10.91 -32.61
N GLU A 9 -23.45 9.78 -32.88
CA GLU A 9 -24.04 8.76 -33.74
C GLU A 9 -24.54 7.52 -33.00
N GLU A 10 -25.76 7.10 -33.33
CA GLU A 10 -26.35 5.90 -32.73
C GLU A 10 -25.46 4.68 -32.89
N SER A 11 -24.80 4.57 -34.04
CA SER A 11 -23.91 3.45 -34.31
C SER A 11 -22.90 3.30 -33.17
N ILE A 12 -22.59 4.41 -32.51
CA ILE A 12 -21.69 4.34 -31.38
C ILE A 12 -22.45 4.06 -30.11
N THR A 13 -23.38 4.96 -29.76
CA THR A 13 -24.07 4.87 -28.49
C THR A 13 -24.84 3.56 -28.31
N SER A 14 -25.50 3.11 -29.36
CA SER A 14 -26.24 1.85 -29.30
C SER A 14 -25.30 0.65 -29.25
N SER A 15 -24.43 0.53 -30.23
CA SER A 15 -23.50 -0.59 -30.27
C SER A 15 -22.77 -0.73 -28.95
N LEU A 16 -22.11 0.35 -28.53
CA LEU A 16 -21.33 0.32 -27.31
C LEU A 16 -22.20 -0.06 -26.11
N SER A 17 -23.42 0.45 -26.07
CA SER A 17 -24.32 0.11 -24.97
C SER A 17 -24.66 -1.37 -24.97
N ALA A 18 -24.90 -1.92 -26.16
CA ALA A 18 -25.20 -3.34 -26.30
C ALA A 18 -24.02 -4.15 -25.84
N ILE A 19 -22.83 -3.67 -26.16
CA ILE A 19 -21.59 -4.36 -25.84
C ILE A 19 -21.31 -4.29 -24.35
N LEU A 20 -21.34 -3.08 -23.80
CA LEU A 20 -21.07 -2.87 -22.38
C LEU A 20 -22.02 -3.69 -21.52
N GLU A 21 -23.31 -3.55 -21.81
CA GLU A 21 -24.34 -4.27 -21.07
C GLU A 21 -24.12 -5.77 -21.16
N GLU A 22 -23.73 -6.23 -22.36
CA GLU A 22 -23.47 -7.64 -22.62
C GLU A 22 -22.28 -8.17 -21.80
N GLU A 23 -21.44 -7.26 -21.32
CA GLU A 23 -20.23 -7.67 -20.61
C GLU A 23 -20.28 -7.40 -19.11
N GLY A 24 -21.45 -7.00 -18.63
CA GLY A 24 -21.64 -6.78 -17.20
C GLY A 24 -21.58 -5.33 -16.79
N TYR A 25 -21.26 -4.44 -17.73
CA TYR A 25 -21.22 -3.02 -17.40
C TYR A 25 -22.61 -2.41 -17.53
N HIS A 26 -22.88 -1.40 -16.74
CA HIS A 26 -24.14 -0.70 -16.82
C HIS A 26 -23.94 0.66 -17.52
N PRO A 27 -24.17 0.69 -18.84
CA PRO A 27 -23.92 1.86 -19.70
C PRO A 27 -25.01 2.93 -19.57
N ASP A 28 -24.62 4.17 -19.84
CA ASP A 28 -25.53 5.28 -20.05
C ASP A 28 -24.97 6.05 -21.24
N THR A 29 -25.80 6.87 -21.89
CA THR A 29 -25.36 7.58 -23.07
C THR A 29 -25.81 9.03 -23.08
N ALA A 30 -24.95 9.91 -23.58
CA ALA A 30 -25.29 11.31 -23.80
C ALA A 30 -25.03 11.67 -25.25
N LYS A 31 -25.99 12.32 -25.88
CA LYS A 31 -25.91 12.59 -27.31
C LYS A 31 -25.40 13.99 -27.63
N THR A 32 -25.24 14.80 -26.59
CA THR A 32 -24.72 16.15 -26.73
C THR A 32 -23.83 16.47 -25.55
N LEU A 33 -22.95 17.46 -25.70
CA LEU A 33 -22.16 17.91 -24.56
C LEU A 33 -23.06 18.44 -23.46
N ARG A 34 -24.20 19.00 -23.85
CA ARG A 34 -25.16 19.52 -22.89
C ARG A 34 -25.70 18.39 -22.01
N GLU A 35 -26.27 17.37 -22.65
CA GLU A 35 -26.82 16.22 -21.96
C GLU A 35 -25.74 15.54 -21.09
N ALA A 36 -24.51 15.53 -21.58
CA ALA A 36 -23.44 14.89 -20.85
C ALA A 36 -23.21 15.61 -19.52
N GLU A 37 -22.99 16.93 -19.59
CA GLU A 37 -22.74 17.74 -18.41
C GLU A 37 -23.79 17.47 -17.34
N LYS A 38 -25.04 17.36 -17.78
CA LYS A 38 -26.13 16.99 -16.90
C LYS A 38 -25.76 15.73 -16.13
N LYS A 39 -25.54 14.63 -16.85
CA LYS A 39 -25.34 13.34 -16.22
C LYS A 39 -24.06 13.26 -15.36
N ILE A 40 -23.02 13.98 -15.76
CA ILE A 40 -21.76 13.95 -15.02
C ILE A 40 -21.92 14.57 -13.63
N LYS A 41 -22.56 15.74 -13.57
CA LYS A 41 -22.77 16.45 -12.31
C LYS A 41 -23.76 15.69 -11.42
N GLU A 42 -24.57 14.87 -12.06
CA GLU A 42 -25.66 14.16 -11.40
C GLU A 42 -25.18 12.85 -10.79
N LEU A 43 -24.29 12.16 -11.51
CA LEU A 43 -23.88 10.82 -11.12
C LEU A 43 -22.42 10.57 -11.52
N PHE A 44 -21.72 9.77 -10.71
CA PHE A 44 -20.32 9.51 -10.98
C PHE A 44 -20.09 8.30 -11.89
N PHE A 45 -19.46 8.53 -13.03
CA PHE A 45 -19.03 7.45 -13.92
C PHE A 45 -17.53 7.27 -13.80
N PRO A 46 -17.08 6.09 -13.33
CA PRO A 46 -15.65 5.78 -13.27
C PRO A 46 -15.00 5.95 -14.64
N VAL A 47 -15.71 5.54 -15.69
CA VAL A 47 -15.17 5.60 -17.04
C VAL A 47 -16.10 6.36 -17.97
N ILE A 48 -15.52 7.30 -18.72
CA ILE A 48 -16.28 8.05 -19.70
C ILE A 48 -15.64 7.88 -21.05
N VAL A 49 -16.47 7.59 -22.04
CA VAL A 49 -16.04 7.38 -23.41
C VAL A 49 -16.54 8.56 -24.22
N LEU A 50 -15.60 9.38 -24.70
CA LEU A 50 -15.94 10.66 -25.28
C LEU A 50 -15.49 10.81 -26.74
N ASP A 51 -16.39 11.26 -27.59
CA ASP A 51 -16.01 11.52 -28.98
C ASP A 51 -15.31 12.88 -29.07
N VAL A 52 -14.20 12.91 -29.80
CA VAL A 52 -13.42 14.14 -29.98
C VAL A 52 -14.25 15.26 -30.61
N TRP A 53 -15.24 14.89 -31.43
CA TRP A 53 -16.11 15.87 -32.06
C TRP A 53 -17.55 15.72 -31.58
N MSE A 54 -18.14 16.85 -31.19
CA MSE A 54 -19.51 16.89 -30.72
C MSE A 54 -20.19 18.14 -31.28
O MSE A 54 -19.53 19.14 -31.57
CB MSE A 54 -19.53 16.92 -29.19
CG MSE A 54 -19.07 15.63 -28.55
SE MSE A 54 -20.31 14.16 -28.91
CE MSE A 54 -21.96 14.91 -28.20
N PRO A 55 -21.52 18.08 -31.46
CA PRO A 55 -22.26 19.21 -32.04
C PRO A 55 -22.08 20.50 -31.26
N ASP A 56 -22.44 20.50 -29.97
CA ASP A 56 -22.49 21.72 -29.17
C ASP A 56 -21.21 22.05 -28.38
N GLY A 57 -20.06 21.86 -29.01
CA GLY A 57 -18.79 22.20 -28.36
C GLY A 57 -17.60 21.38 -28.81
N ASP A 58 -16.42 21.76 -28.34
CA ASP A 58 -15.20 21.05 -28.67
C ASP A 58 -15.02 19.83 -27.76
N GLY A 59 -15.24 18.64 -28.33
CA GLY A 59 -15.12 17.39 -27.58
C GLY A 59 -13.84 17.26 -26.78
N VAL A 60 -12.72 17.66 -27.38
CA VAL A 60 -11.44 17.65 -26.68
C VAL A 60 -11.46 18.52 -25.42
N ASN A 61 -11.81 19.79 -25.58
CA ASN A 61 -11.85 20.73 -24.47
C ASN A 61 -12.81 20.30 -23.37
N PHE A 62 -13.86 19.57 -23.76
CA PHE A 62 -14.82 19.05 -22.79
C PHE A 62 -14.14 18.20 -21.71
N ILE A 63 -12.98 17.64 -22.06
CA ILE A 63 -12.20 16.92 -21.07
C ILE A 63 -11.96 17.81 -19.84
N ASP A 64 -11.81 19.11 -20.06
CA ASP A 64 -11.61 20.03 -18.94
C ASP A 64 -12.85 20.07 -18.04
N PHE A 65 -14.03 20.02 -18.65
CA PHE A 65 -15.26 19.94 -17.87
C PHE A 65 -15.22 18.72 -16.94
N ILE A 66 -14.80 17.59 -17.49
CA ILE A 66 -14.69 16.35 -16.74
C ILE A 66 -13.61 16.46 -15.67
N LYS A 67 -12.48 17.04 -16.06
CA LYS A 67 -11.37 17.26 -15.14
C LYS A 67 -11.83 18.10 -13.94
N GLU A 68 -12.85 18.92 -14.18
CA GLU A 68 -13.33 19.85 -13.17
C GLU A 68 -14.39 19.26 -12.25
N ASN A 69 -15.35 18.56 -12.84
CA ASN A 69 -16.53 18.10 -12.10
C ASN A 69 -16.59 16.59 -11.85
N SER A 70 -15.56 15.87 -12.26
CA SER A 70 -15.48 14.42 -12.04
C SER A 70 -14.03 13.95 -12.18
N PRO A 71 -13.15 14.46 -11.31
CA PRO A 71 -11.68 14.33 -11.41
C PRO A 71 -11.21 12.88 -11.40
N ASP A 72 -12.00 11.99 -10.81
CA ASP A 72 -11.64 10.58 -10.72
C ASP A 72 -12.04 9.79 -11.97
N SER A 73 -12.87 10.38 -12.82
CA SER A 73 -13.26 9.69 -14.05
C SER A 73 -12.06 9.47 -14.97
N VAL A 74 -11.97 8.25 -15.51
CA VAL A 74 -10.97 7.91 -16.48
C VAL A 74 -11.61 8.05 -17.86
N VAL A 75 -10.95 8.78 -18.76
CA VAL A 75 -11.56 9.11 -20.04
C VAL A 75 -10.90 8.38 -21.21
N ILE A 76 -11.73 7.81 -22.07
CA ILE A 76 -11.29 7.24 -23.33
C ILE A 76 -11.92 8.05 -24.45
N VAL A 77 -11.10 8.60 -25.34
CA VAL A 77 -11.67 9.35 -26.45
C VAL A 77 -11.81 8.48 -27.69
N ILE A 78 -12.82 8.79 -28.50
CA ILE A 78 -13.01 8.13 -29.78
C ILE A 78 -12.71 9.15 -30.86
N THR A 79 -11.76 8.83 -31.73
CA THR A 79 -11.40 9.75 -32.81
C THR A 79 -11.59 9.14 -34.19
N GLY A 80 -11.97 10.00 -35.15
CA GLY A 80 -12.16 9.58 -36.53
C GLY A 80 -10.93 8.92 -37.10
N HIS A 81 -11.09 8.21 -38.21
CA HIS A 81 -9.98 7.51 -38.83
C HIS A 81 -8.94 8.50 -39.34
N GLY A 82 -7.67 8.18 -39.08
CA GLY A 82 -6.58 9.01 -39.55
C GLY A 82 -6.32 10.22 -38.68
N SER A 83 -7.38 10.80 -38.13
CA SER A 83 -7.24 11.95 -37.26
C SER A 83 -6.85 11.53 -35.84
N VAL A 84 -5.55 11.42 -35.61
CA VAL A 84 -5.05 11.08 -34.28
C VAL A 84 -4.16 12.20 -33.72
N ASP A 85 -4.25 13.37 -34.33
CA ASP A 85 -3.60 14.55 -33.79
C ASP A 85 -4.51 15.11 -32.70
N THR A 86 -5.81 15.02 -32.96
CA THR A 86 -6.81 15.34 -31.96
C THR A 86 -6.61 14.44 -30.75
N ALA A 87 -6.33 13.16 -31.02
CA ALA A 87 -6.16 12.16 -29.98
C ALA A 87 -5.06 12.56 -28.99
N VAL A 88 -3.85 12.81 -29.51
CA VAL A 88 -2.77 13.30 -28.68
C VAL A 88 -3.24 14.51 -27.87
N LYS A 89 -3.91 15.43 -28.56
CA LYS A 89 -4.44 16.63 -27.93
C LYS A 89 -5.18 16.21 -26.66
N ALA A 90 -6.13 15.30 -26.83
CA ALA A 90 -6.93 14.79 -25.73
C ALA A 90 -6.06 14.15 -24.64
N ILE A 91 -5.10 13.33 -25.06
CA ILE A 91 -4.22 12.67 -24.10
C ILE A 91 -3.47 13.69 -23.24
N LYS A 92 -2.96 14.74 -23.87
CA LYS A 92 -2.24 15.78 -23.15
C LYS A 92 -3.19 16.56 -22.25
N LYS A 93 -4.45 16.65 -22.64
CA LYS A 93 -5.44 17.30 -21.78
C LYS A 93 -5.71 16.44 -20.57
N GLY A 94 -5.39 15.16 -20.65
CA GLY A 94 -5.53 14.27 -19.51
C GLY A 94 -6.35 13.02 -19.76
N ALA A 95 -6.74 12.77 -21.01
CA ALA A 95 -7.44 11.55 -21.34
C ALA A 95 -6.50 10.38 -21.11
N TYR A 96 -7.04 9.23 -20.68
CA TYR A 96 -6.20 8.06 -20.45
C TYR A 96 -5.89 7.26 -21.72
N GLU A 97 -6.91 7.06 -22.55
CA GLU A 97 -6.75 6.23 -23.75
C GLU A 97 -7.53 6.79 -24.91
N PHE A 98 -7.28 6.25 -26.09
CA PHE A 98 -8.04 6.66 -27.25
C PHE A 98 -8.20 5.49 -28.19
N LEU A 99 -9.30 5.51 -28.92
CA LEU A 99 -9.60 4.50 -29.92
C LEU A 99 -9.84 5.16 -31.28
N GLU A 100 -9.17 4.64 -32.32
CA GLU A 100 -9.40 5.15 -33.67
C GLU A 100 -10.48 4.32 -34.37
N LYS A 101 -11.51 5.00 -34.83
CA LYS A 101 -12.49 4.36 -35.71
C LYS A 101 -11.78 3.98 -37.00
N PRO A 102 -12.08 2.78 -37.53
CA PRO A 102 -12.98 1.83 -36.88
C PRO A 102 -12.19 0.93 -35.93
N PHE A 103 -12.88 0.35 -34.97
CA PHE A 103 -12.24 -0.57 -34.04
C PHE A 103 -13.19 -1.72 -33.72
N SER A 104 -12.62 -2.87 -33.40
CA SER A 104 -13.40 -4.07 -33.15
C SER A 104 -13.99 -4.09 -31.73
N VAL A 105 -14.90 -5.03 -31.51
CA VAL A 105 -15.54 -5.25 -30.22
C VAL A 105 -14.46 -5.59 -29.22
N GLU A 106 -13.60 -6.52 -29.63
CA GLU A 106 -12.48 -6.98 -28.83
C GLU A 106 -11.59 -5.82 -28.37
N ARG A 107 -11.25 -4.92 -29.29
CA ARG A 107 -10.38 -3.79 -29.00
C ARG A 107 -11.07 -2.85 -28.04
N PHE A 108 -12.35 -2.60 -28.27
CA PHE A 108 -13.14 -1.79 -27.36
C PHE A 108 -13.15 -2.34 -25.93
N LEU A 109 -13.56 -3.60 -25.79
CA LEU A 109 -13.67 -4.22 -24.48
C LEU A 109 -12.35 -4.27 -23.73
N LEU A 110 -11.27 -4.51 -24.46
CA LEU A 110 -9.94 -4.55 -23.84
C LEU A 110 -9.56 -3.17 -23.28
N THR A 111 -9.86 -2.13 -24.05
CA THR A 111 -9.58 -0.76 -23.59
C THR A 111 -10.42 -0.39 -22.36
N ILE A 112 -11.69 -0.79 -22.36
CA ILE A 112 -12.56 -0.57 -21.21
C ILE A 112 -11.99 -1.24 -19.97
N LYS A 113 -11.59 -2.50 -20.13
CA LYS A 113 -11.02 -3.25 -19.02
C LYS A 113 -9.87 -2.48 -18.39
N HIS A 114 -8.95 -2.00 -19.23
CA HIS A 114 -7.82 -1.22 -18.73
C HIS A 114 -8.23 0.11 -18.14
N ALA A 115 -9.25 0.75 -18.72
CA ALA A 115 -9.78 1.98 -18.13
C ALA A 115 -10.24 1.74 -16.67
N PHE A 116 -10.92 0.63 -16.43
CA PHE A 116 -11.37 0.35 -15.06
C PHE A 116 -10.22 0.02 -14.13
N GLU A 117 -9.20 -0.68 -14.60
CA GLU A 117 -8.10 -0.96 -13.71
C GLU A 117 -7.24 0.29 -13.48
N GLU A 118 -7.34 1.26 -14.38
CA GLU A 118 -6.68 2.53 -14.16
C GLU A 118 -7.46 3.28 -13.09
N TYR A 119 -8.78 3.16 -13.14
CA TYR A 119 -9.63 3.78 -12.15
C TYR A 119 -9.39 3.14 -10.78
N SER A 120 -9.32 1.82 -10.76
CA SER A 120 -9.14 1.08 -9.53
C SER A 120 -7.74 1.24 -8.93
N LYS A 121 -6.81 1.81 -9.69
CA LYS A 121 -5.43 1.91 -9.21
C LYS A 121 -5.09 3.30 -8.71
N LYS A 122 -5.44 3.59 -7.46
CA LYS A 122 -5.04 4.84 -6.84
C LYS A 122 -4.18 4.59 -5.61
N ALA A 123 -3.23 5.49 -5.37
CA ALA A 123 -2.37 5.41 -4.20
C ALA A 123 -2.96 6.22 -3.05
N PRO A 124 -3.12 5.58 -1.88
CA PRO A 124 -3.65 6.26 -0.69
C PRO A 124 -2.64 6.54 0.43
N PRO A 125 -1.31 6.53 0.16
CA PRO A 125 -0.37 6.76 1.27
C PRO A 125 -0.37 8.22 1.73
N GLN A 126 -1.54 8.82 1.85
CA GLN A 126 -1.68 10.21 2.27
C GLN A 126 -1.02 10.48 3.62
N GLU A 127 -0.73 9.40 4.34
CA GLU A 127 -0.12 9.47 5.66
C GLU A 127 0.82 10.67 5.86
N GLU A 128 0.65 11.38 6.97
CA GLU A 128 1.64 12.36 7.41
C GLU A 128 2.59 11.67 8.38
N ILE A 129 3.79 12.22 8.50
CA ILE A 129 4.77 11.63 9.41
C ILE A 129 5.08 12.60 10.54
N GLU A 130 4.93 12.12 11.77
CA GLU A 130 5.18 12.95 12.94
C GLU A 130 6.64 12.85 13.34
N PHE A 131 7.32 13.99 13.38
CA PHE A 131 8.70 14.03 13.79
C PHE A 131 8.84 15.11 14.84
N VAL A 132 8.60 14.74 16.10
CA VAL A 132 8.44 15.74 17.15
C VAL A 132 9.77 16.12 17.79
N GLY A 133 9.98 17.42 17.99
CA GLY A 133 11.17 17.92 18.61
C GLY A 133 11.50 19.35 18.24
N GLU A 134 11.87 20.15 19.24
CA GLU A 134 12.24 21.54 19.02
C GLU A 134 13.66 21.87 19.51
N HIS A 135 14.38 20.90 20.09
CA HIS A 135 15.77 21.15 20.46
C HIS A 135 16.56 21.54 19.22
N PRO A 136 17.41 22.59 19.36
CA PRO A 136 18.25 23.09 18.27
C PRO A 136 18.94 21.97 17.46
N LYS A 137 19.34 20.90 18.12
CA LYS A 137 19.94 19.79 17.39
C LYS A 137 18.92 19.09 16.47
N ILE A 138 17.69 18.95 16.95
CA ILE A 138 16.65 18.36 16.13
C ILE A 138 16.18 19.29 15.01
N LEU A 139 16.05 20.57 15.30
CA LEU A 139 15.69 21.54 14.27
C LEU A 139 16.73 21.58 13.15
N GLU A 140 18.00 21.39 13.51
CA GLU A 140 19.08 21.35 12.55
C GLU A 140 18.92 20.18 11.58
N ILE A 141 18.60 18.99 12.13
CA ILE A 141 18.30 17.81 11.32
C ILE A 141 17.10 18.06 10.40
N LYS A 142 16.04 18.67 10.95
CA LYS A 142 14.84 18.94 10.17
C LYS A 142 15.08 19.85 8.97
N ARG A 143 16.04 20.78 9.10
CA ARG A 143 16.42 21.65 7.98
C ARG A 143 17.31 20.93 6.99
N LEU A 144 18.05 19.94 7.48
CA LEU A 144 19.02 19.23 6.65
C LEU A 144 18.33 18.23 5.72
N ILE A 145 17.30 17.58 6.24
CA ILE A 145 16.63 16.49 5.55
C ILE A 145 16.18 16.83 4.12
N PRO A 146 15.55 17.99 3.93
CA PRO A 146 15.06 18.36 2.60
C PRO A 146 16.20 18.65 1.61
N LYS A 147 17.34 19.08 2.12
CA LYS A 147 18.52 19.34 1.29
C LYS A 147 19.19 18.04 0.82
N ILE A 148 19.20 17.05 1.71
CA ILE A 148 19.79 15.75 1.44
C ILE A 148 18.93 14.94 0.48
N ALA A 149 17.61 15.11 0.59
CA ALA A 149 16.65 14.15 0.04
C ALA A 149 16.56 14.07 -1.47
N LYS A 150 16.80 15.17 -2.17
CA LYS A 150 16.58 15.16 -3.61
C LYS A 150 17.76 14.58 -4.37
N SER A 151 18.78 14.16 -3.63
CA SER A 151 19.91 13.47 -4.22
C SER A 151 19.62 11.99 -4.31
N LYS A 152 20.48 11.25 -5.01
CA LYS A 152 20.36 9.80 -5.01
C LYS A 152 21.50 9.16 -4.22
N ALA A 153 22.42 9.99 -3.73
CA ALA A 153 23.53 9.52 -2.91
C ALA A 153 23.00 8.89 -1.62
N PRO A 154 23.64 7.80 -1.16
CA PRO A 154 23.12 7.12 0.03
C PRO A 154 23.33 7.93 1.31
N VAL A 155 22.51 7.66 2.31
CA VAL A 155 22.58 8.37 3.57
C VAL A 155 22.75 7.35 4.70
N LEU A 156 23.70 7.61 5.58
CA LEU A 156 23.90 6.80 6.76
C LEU A 156 23.39 7.57 7.97
N ILE A 157 22.44 7.00 8.69
CA ILE A 157 21.90 7.61 9.90
C ILE A 157 22.46 6.91 11.13
N THR A 158 23.27 7.64 11.91
CA THR A 158 23.83 7.10 13.16
C THR A 158 23.05 7.58 14.37
N GLY A 159 22.89 6.70 15.34
CA GLY A 159 22.13 7.05 16.52
C GLY A 159 21.91 5.82 17.37
N GLU A 160 21.64 6.04 18.65
CA GLU A 160 21.32 4.95 19.55
C GLU A 160 19.98 4.32 19.19
N SER A 161 19.69 3.19 19.81
CA SER A 161 18.44 2.47 19.53
C SER A 161 17.26 3.31 19.96
N GLY A 162 16.21 3.28 19.15
CA GLY A 162 14.99 4.00 19.44
C GLY A 162 15.09 5.50 19.37
N THR A 163 15.99 6.04 18.55
CA THR A 163 16.09 7.50 18.42
C THR A 163 15.35 8.09 17.20
N GLY A 164 14.60 7.25 16.48
CA GLY A 164 13.79 7.76 15.38
C GLY A 164 14.46 7.68 14.02
N LYS A 165 15.44 6.80 13.89
CA LYS A 165 16.17 6.66 12.64
C LYS A 165 15.27 6.31 11.45
N GLU A 166 14.26 5.48 11.67
CA GLU A 166 13.34 5.14 10.60
C GLU A 166 12.45 6.31 10.18
N ILE A 167 12.00 7.10 11.16
CA ILE A 167 11.22 8.28 10.83
C ILE A 167 11.99 9.19 9.90
N VAL A 168 13.26 9.43 10.20
CA VAL A 168 14.06 10.32 9.39
C VAL A 168 14.16 9.77 7.97
N ALA A 169 14.36 8.45 7.87
CA ALA A 169 14.44 7.76 6.59
C ALA A 169 13.18 7.91 5.74
N ARG A 170 12.01 7.76 6.36
CA ARG A 170 10.74 7.98 5.65
C ARG A 170 10.57 9.41 5.22
N LEU A 171 10.97 10.34 6.09
CA LEU A 171 10.93 11.75 5.76
C LEU A 171 11.75 11.98 4.51
N ILE A 172 12.98 11.46 4.51
CA ILE A 172 13.89 11.64 3.38
C ILE A 172 13.27 11.11 2.09
N HIS A 173 12.71 9.90 2.15
CA HIS A 173 12.04 9.31 1.00
C HIS A 173 10.92 10.24 0.53
N ARG A 174 10.02 10.57 1.44
CA ARG A 174 8.95 11.52 1.17
C ARG A 174 9.40 12.77 0.41
N TYR A 175 10.45 13.43 0.89
CA TYR A 175 10.94 14.67 0.29
C TYR A 175 11.71 14.43 -1.01
N SER A 176 12.31 13.25 -1.14
CA SER A 176 13.08 12.92 -2.35
C SER A 176 12.20 12.99 -3.59
N GLY A 177 10.93 12.63 -3.43
CA GLY A 177 9.99 12.67 -4.53
C GLY A 177 9.88 11.38 -5.32
N ARG A 178 10.70 10.40 -4.97
CA ARG A 178 10.74 9.14 -5.69
C ARG A 178 9.40 8.41 -5.57
N LYS A 179 8.92 7.87 -6.69
CA LYS A 179 7.57 7.30 -6.76
C LYS A 179 7.48 5.86 -6.27
N GLY A 180 8.62 5.18 -6.28
CA GLY A 180 8.66 3.79 -5.82
C GLY A 180 8.42 3.68 -4.33
N ALA A 181 8.43 2.44 -3.84
CA ALA A 181 8.06 2.15 -2.45
C ALA A 181 9.19 2.38 -1.46
N PHE A 182 8.81 2.49 -0.19
CA PHE A 182 9.76 2.54 0.91
C PHE A 182 9.85 1.13 1.47
N VAL A 183 10.98 0.48 1.22
CA VAL A 183 11.19 -0.89 1.65
C VAL A 183 12.18 -0.89 2.82
N ASP A 184 11.75 -1.32 4.00
CA ASP A 184 12.72 -1.41 5.09
C ASP A 184 13.11 -2.84 5.42
N LEU A 185 14.41 -3.05 5.56
CA LEU A 185 14.93 -4.35 5.96
C LEU A 185 15.70 -4.22 7.28
N ASN A 186 15.30 -5.02 8.26
CA ASN A 186 16.00 -5.06 9.53
C ASN A 186 17.07 -6.14 9.49
N CYS A 187 18.32 -5.74 9.61
CA CYS A 187 19.42 -6.67 9.38
C CYS A 187 19.80 -7.46 10.62
N ALA A 188 19.11 -7.19 11.72
CA ALA A 188 19.35 -7.90 12.96
C ALA A 188 18.17 -8.77 13.33
N SER A 189 16.98 -8.18 13.32
CA SER A 189 15.73 -8.89 13.61
C SER A 189 15.57 -10.12 12.71
N ILE A 190 16.40 -10.20 11.69
CA ILE A 190 16.38 -11.32 10.75
C ILE A 190 17.50 -12.31 11.06
N PRO A 191 17.22 -13.61 10.93
CA PRO A 191 18.20 -14.67 11.13
C PRO A 191 19.49 -14.43 10.36
N GLN A 192 20.61 -14.83 10.96
CA GLN A 192 21.93 -14.60 10.38
C GLN A 192 21.94 -14.53 8.86
N GLU A 193 21.40 -15.55 8.21
CA GLU A 193 21.59 -15.72 6.78
C GLU A 193 20.29 -15.71 5.96
N LEU A 194 19.16 -15.48 6.62
CA LEU A 194 17.92 -15.19 5.93
C LEU A 194 17.99 -13.81 5.28
N ALA A 195 18.94 -13.01 5.74
CA ALA A 195 19.14 -11.67 5.21
C ALA A 195 19.41 -11.71 3.70
N GLU A 196 20.41 -12.48 3.30
CA GLU A 196 20.75 -12.58 1.88
C GLU A 196 19.55 -12.97 1.02
N SER A 197 18.59 -13.64 1.63
CA SER A 197 17.38 -14.06 0.92
C SER A 197 16.34 -12.95 0.88
N GLU A 198 16.24 -12.22 1.99
CA GLU A 198 15.31 -11.09 2.07
C GLU A 198 15.65 -10.04 1.03
N LEU A 199 16.95 -9.86 0.79
CA LEU A 199 17.43 -8.84 -0.12
C LEU A 199 17.31 -9.27 -1.57
N PHE A 200 17.80 -10.47 -1.87
CA PHE A 200 17.96 -10.93 -3.24
C PHE A 200 16.78 -11.75 -3.76
N GLY A 201 15.92 -12.19 -2.85
CA GLY A 201 14.81 -13.03 -3.25
C GLY A 201 15.32 -14.37 -3.75
N HIS A 202 14.39 -15.30 -3.93
CA HIS A 202 14.75 -16.63 -4.40
C HIS A 202 13.82 -17.06 -5.52
N GLU A 203 14.25 -18.04 -6.31
CA GLU A 203 13.47 -18.47 -7.45
C GLU A 203 13.88 -19.86 -7.88
N LYS A 204 12.95 -20.81 -7.74
CA LYS A 204 13.16 -22.21 -8.13
C LYS A 204 13.66 -23.09 -6.97
N GLY A 205 13.35 -22.68 -5.75
CA GLY A 205 13.65 -23.47 -4.57
C GLY A 205 15.00 -23.24 -3.91
N ALA A 206 15.40 -21.98 -3.79
CA ALA A 206 16.68 -21.64 -3.19
C ALA A 206 16.82 -22.28 -1.81
N PHE A 207 15.76 -22.18 -1.01
CA PHE A 207 15.73 -22.83 0.29
C PHE A 207 15.16 -24.24 0.15
N THR A 208 15.41 -25.08 1.15
CA THR A 208 15.06 -26.49 1.09
C THR A 208 13.64 -26.74 0.56
N GLY A 209 13.56 -27.10 -0.72
CA GLY A 209 12.29 -27.45 -1.34
C GLY A 209 11.24 -26.35 -1.34
N ALA A 210 11.35 -25.41 -2.29
CA ALA A 210 10.39 -24.32 -2.40
C ALA A 210 9.81 -24.23 -3.81
N LEU A 211 10.69 -24.08 -4.80
CA LEU A 211 10.28 -23.97 -6.20
C LEU A 211 9.27 -22.86 -6.45
N THR A 212 9.04 -22.03 -5.44
CA THR A 212 8.13 -20.89 -5.56
C THR A 212 8.92 -19.59 -5.46
N ARG A 213 8.83 -18.78 -6.52
CA ARG A 213 9.63 -17.56 -6.62
C ARG A 213 9.15 -16.45 -5.69
N LYS A 214 10.12 -15.73 -5.10
CA LYS A 214 9.82 -14.60 -4.24
C LYS A 214 10.77 -13.44 -4.55
N LYS A 215 10.22 -12.24 -4.67
CA LYS A 215 11.01 -11.05 -4.99
C LYS A 215 11.78 -10.55 -3.77
N GLY A 216 13.04 -10.18 -3.99
CA GLY A 216 13.84 -9.59 -2.92
C GLY A 216 13.48 -8.14 -2.68
N LYS A 217 13.88 -7.63 -1.52
CA LYS A 217 13.66 -6.24 -1.16
C LYS A 217 14.36 -5.30 -2.16
N LEU A 218 15.53 -5.70 -2.63
CA LEU A 218 16.23 -4.90 -3.63
C LEU A 218 15.27 -4.54 -4.76
N GLU A 219 14.59 -5.57 -5.27
CA GLU A 219 13.64 -5.43 -6.36
C GLU A 219 12.37 -4.66 -5.97
N LEU A 220 11.91 -4.86 -4.75
CA LEU A 220 10.69 -4.21 -4.28
C LEU A 220 10.89 -2.71 -4.11
N ALA A 221 12.15 -2.29 -4.05
CA ALA A 221 12.48 -0.89 -3.81
C ALA A 221 12.73 -0.13 -5.11
N ASP A 222 12.56 -0.80 -6.24
CA ASP A 222 12.74 -0.18 -7.55
C ASP A 222 12.07 1.18 -7.61
N GLN A 223 12.85 2.17 -8.03
CA GLN A 223 12.40 3.56 -8.10
C GLN A 223 11.94 4.14 -6.77
N GLY A 224 12.27 3.44 -5.69
CA GLY A 224 11.98 3.92 -4.35
C GLY A 224 13.21 3.99 -3.46
N THR A 225 13.01 3.74 -2.18
CA THR A 225 14.07 3.89 -1.20
C THR A 225 14.15 2.61 -0.38
N LEU A 226 15.34 2.05 -0.32
CA LEU A 226 15.59 0.87 0.49
C LEU A 226 16.25 1.32 1.78
N PHE A 227 15.60 1.05 2.91
CA PHE A 227 16.12 1.39 4.24
C PHE A 227 16.69 0.14 4.91
N LEU A 228 18.00 0.15 5.11
CA LEU A 228 18.68 -0.96 5.78
C LEU A 228 18.89 -0.64 7.25
N ASP A 229 18.01 -1.15 8.10
CA ASP A 229 18.14 -0.93 9.54
C ASP A 229 19.26 -1.80 10.12
N GLU A 230 20.09 -1.17 10.96
CA GLU A 230 21.31 -1.77 11.51
C GLU A 230 22.14 -2.54 10.50
N VAL A 231 22.56 -1.84 9.45
CA VAL A 231 23.37 -2.43 8.40
C VAL A 231 24.63 -3.07 8.98
N GLY A 232 25.06 -2.62 10.15
CA GLY A 232 26.24 -3.19 10.78
C GLY A 232 26.12 -4.67 11.13
N GLU A 233 24.90 -5.19 11.17
CA GLU A 233 24.66 -6.59 11.52
C GLU A 233 24.67 -7.54 10.34
N LEU A 234 25.08 -7.07 9.17
CA LEU A 234 25.10 -7.90 7.97
C LEU A 234 26.33 -8.79 7.93
N ASP A 235 26.13 -10.05 7.55
CA ASP A 235 27.23 -10.97 7.30
C ASP A 235 28.25 -10.30 6.39
N GLN A 236 29.52 -10.62 6.57
CA GLN A 236 30.53 -10.04 5.69
C GLN A 236 30.42 -10.64 4.29
N ARG A 237 29.54 -11.62 4.16
CA ARG A 237 29.22 -12.21 2.88
C ARG A 237 28.18 -11.36 2.16
N VAL A 238 27.13 -10.98 2.90
CA VAL A 238 26.10 -10.09 2.41
C VAL A 238 26.68 -8.71 2.07
N GLN A 239 27.50 -8.17 2.98
CA GLN A 239 28.17 -6.90 2.78
C GLN A 239 28.83 -6.85 1.42
N ALA A 240 29.52 -7.92 1.08
CA ALA A 240 30.25 -7.98 -0.17
C ALA A 240 29.29 -7.98 -1.36
N LYS A 241 28.26 -8.81 -1.27
CA LYS A 241 27.23 -8.88 -2.29
C LYS A 241 26.50 -7.54 -2.48
N LEU A 242 26.10 -6.94 -1.37
CA LEU A 242 25.45 -5.63 -1.39
C LEU A 242 26.34 -4.62 -2.09
N LEU A 243 27.64 -4.67 -1.78
CA LEU A 243 28.60 -3.77 -2.39
C LEU A 243 28.54 -3.89 -3.92
N ARG A 244 28.61 -5.13 -4.41
CA ARG A 244 28.62 -5.40 -5.84
C ARG A 244 27.35 -4.87 -6.52
N VAL A 245 26.24 -4.84 -5.78
CA VAL A 245 25.00 -4.26 -6.28
C VAL A 245 25.10 -2.74 -6.38
N LEU A 246 25.63 -2.11 -5.34
CA LEU A 246 25.83 -0.67 -5.38
C LEU A 246 26.73 -0.28 -6.54
N GLU A 247 27.70 -1.13 -6.86
CA GLU A 247 28.68 -0.84 -7.90
C GLU A 247 28.19 -1.13 -9.32
N THR A 248 27.40 -2.18 -9.48
CA THR A 248 26.96 -2.59 -10.82
C THR A 248 25.56 -2.10 -11.14
N GLY A 249 24.75 -1.88 -10.10
CA GLY A 249 23.37 -1.49 -10.30
C GLY A 249 22.51 -2.63 -10.80
N SER A 250 23.05 -3.85 -10.75
CA SER A 250 22.24 -5.03 -11.03
C SER A 250 22.52 -6.15 -10.04
N PHE A 251 21.71 -7.19 -10.08
CA PHE A 251 21.95 -8.37 -9.24
C PHE A 251 21.18 -9.58 -9.79
N THR A 252 21.29 -10.70 -9.11
CA THR A 252 20.55 -11.89 -9.48
C THR A 252 19.92 -12.48 -8.23
N ARG A 253 18.85 -13.24 -8.39
CA ARG A 253 18.22 -13.88 -7.24
C ARG A 253 19.07 -15.04 -6.75
N LEU A 254 18.68 -15.58 -5.59
CA LEU A 254 19.28 -16.82 -5.11
C LEU A 254 18.74 -17.96 -5.95
N GLY A 255 19.62 -18.60 -6.71
CA GLY A 255 19.22 -19.74 -7.51
C GLY A 255 19.02 -19.41 -8.97
N GLY A 256 18.89 -18.13 -9.28
CA GLY A 256 18.66 -17.69 -10.64
C GLY A 256 19.86 -17.04 -11.28
N ASN A 257 19.81 -16.88 -12.60
CA ASN A 257 20.89 -16.26 -13.35
C ASN A 257 20.43 -15.05 -14.15
N GLN A 258 19.14 -14.74 -14.07
CA GLN A 258 18.58 -13.61 -14.80
C GLN A 258 19.06 -12.29 -14.22
N LYS A 259 19.67 -11.46 -15.05
CA LYS A 259 20.17 -10.17 -14.62
C LYS A 259 19.03 -9.22 -14.34
N ILE A 260 19.04 -8.61 -13.16
CA ILE A 260 18.00 -7.67 -12.79
C ILE A 260 18.60 -6.31 -12.44
N GLU A 261 18.14 -5.28 -13.13
CA GLU A 261 18.60 -3.92 -12.89
C GLU A 261 17.67 -3.23 -11.91
N VAL A 262 18.23 -2.64 -10.86
CA VAL A 262 17.42 -1.85 -9.93
C VAL A 262 17.82 -0.39 -9.88
N ASP A 263 16.90 0.41 -9.38
CA ASP A 263 17.14 1.82 -9.22
C ASP A 263 16.65 2.19 -7.84
N ILE A 264 17.55 2.16 -6.86
CA ILE A 264 17.16 2.42 -5.49
C ILE A 264 18.00 3.52 -4.89
N ARG A 265 17.37 4.32 -4.04
CA ARG A 265 18.09 5.23 -3.16
C ARG A 265 18.27 4.48 -1.84
N VAL A 266 19.52 4.33 -1.42
CA VAL A 266 19.83 3.55 -0.24
C VAL A 266 19.98 4.41 1.01
N ILE A 267 19.18 4.10 2.02
CA ILE A 267 19.32 4.75 3.31
C ILE A 267 19.65 3.68 4.34
N SER A 268 20.67 3.94 5.15
CA SER A 268 21.13 2.98 6.14
C SER A 268 21.12 3.60 7.51
N ALA A 269 21.06 2.73 8.52
CA ALA A 269 21.02 3.20 9.90
C ALA A 269 21.88 2.27 10.73
N THR A 270 22.54 2.83 11.74
CA THR A 270 23.38 2.03 12.62
C THR A 270 23.39 2.64 14.02
N ASN A 271 23.58 1.80 15.03
CA ASN A 271 23.80 2.31 16.39
C ASN A 271 25.22 1.97 16.82
N LYS A 272 26.07 1.72 15.83
CA LYS A 272 27.49 1.45 16.04
C LYS A 272 28.32 2.60 15.48
N ASN A 273 29.58 2.67 15.87
CA ASN A 273 30.49 3.58 15.20
C ASN A 273 31.19 2.80 14.11
N LEU A 274 30.65 2.86 12.89
CA LEU A 274 31.10 1.98 11.83
C LEU A 274 32.55 2.17 11.43
N GLU A 275 33.07 3.39 11.60
CA GLU A 275 34.48 3.60 11.36
C GLU A 275 35.33 2.71 12.26
N GLU A 276 34.82 2.44 13.47
CA GLU A 276 35.51 1.56 14.41
C GLU A 276 35.35 0.09 14.04
N GLU A 277 34.20 -0.24 13.47
CA GLU A 277 33.93 -1.61 13.05
C GLU A 277 34.80 -2.01 11.88
N ILE A 278 35.21 -1.02 11.09
CA ILE A 278 36.08 -1.29 9.95
C ILE A 278 37.47 -1.66 10.42
N LYS A 279 37.96 -0.91 11.41
CA LYS A 279 39.25 -1.20 12.00
C LYS A 279 39.27 -2.60 12.57
N LYS A 280 38.19 -2.98 13.23
CA LYS A 280 38.08 -4.30 13.83
C LYS A 280 37.77 -5.37 12.79
N GLY A 281 37.74 -4.96 11.52
CA GLY A 281 37.48 -5.87 10.41
C GLY A 281 36.10 -6.49 10.44
N ASN A 282 35.12 -5.78 11.00
CA ASN A 282 33.75 -6.30 11.06
C ASN A 282 32.82 -5.64 10.05
N PHE A 283 33.38 -4.80 9.20
CA PHE A 283 32.59 -4.10 8.19
C PHE A 283 33.49 -3.58 7.07
N ARG A 284 33.09 -3.86 5.83
CA ARG A 284 33.88 -3.46 4.67
C ARG A 284 34.04 -1.95 4.60
N GLU A 285 35.26 -1.52 4.29
CA GLU A 285 35.60 -0.12 4.26
C GLU A 285 35.02 0.57 3.03
N ASP A 286 35.08 -0.11 1.89
CA ASP A 286 34.61 0.46 0.64
C ASP A 286 33.09 0.60 0.65
N LEU A 287 32.42 -0.32 1.32
CA LEU A 287 30.97 -0.32 1.42
C LEU A 287 30.53 0.82 2.32
N TYR A 288 31.31 1.07 3.37
CA TYR A 288 30.99 2.11 4.32
C TYR A 288 30.95 3.45 3.61
N TYR A 289 32.03 3.77 2.89
CA TYR A 289 32.09 5.03 2.17
C TYR A 289 31.02 5.13 1.08
N ARG A 290 30.64 4.00 0.50
CA ARG A 290 29.56 3.97 -0.46
C ARG A 290 28.24 4.40 0.18
N LEU A 291 28.01 3.95 1.42
CA LEU A 291 26.73 4.12 2.10
C LEU A 291 26.60 5.44 2.84
N SER A 292 27.70 6.17 2.96
CA SER A 292 27.73 7.34 3.83
C SER A 292 28.20 8.63 3.13
N VAL A 293 27.90 8.75 1.85
CA VAL A 293 28.14 9.98 1.10
C VAL A 293 27.52 11.18 1.83
N PHE A 294 26.32 10.99 2.38
CA PHE A 294 25.74 11.91 3.35
C PHE A 294 25.54 11.21 4.69
N GLN A 295 25.63 11.96 5.78
CA GLN A 295 25.39 11.39 7.09
C GLN A 295 24.48 12.27 7.91
N ILE A 296 23.80 11.66 8.87
CA ILE A 296 23.01 12.39 9.83
C ILE A 296 23.20 11.68 11.15
N TYR A 297 23.40 12.46 12.21
CA TYR A 297 23.52 11.94 13.55
C TYR A 297 22.29 12.34 14.36
N LEU A 298 21.56 11.36 14.88
CA LEU A 298 20.45 11.63 15.81
C LEU A 298 20.93 11.49 17.24
N PRO A 299 20.84 12.57 18.02
CA PRO A 299 21.27 12.55 19.43
C PRO A 299 20.35 11.68 20.30
N PRO A 300 20.88 11.12 21.41
CA PRO A 300 20.03 10.42 22.36
C PRO A 300 18.95 11.35 22.90
N LEU A 301 17.86 10.75 23.35
CA LEU A 301 16.75 11.50 23.89
C LEU A 301 17.19 12.41 25.06
N ARG A 302 18.07 11.90 25.92
CA ARG A 302 18.56 12.66 27.06
C ARG A 302 19.44 13.87 26.66
N GLU A 303 19.75 14.00 25.37
CA GLU A 303 20.49 15.17 24.90
C GLU A 303 19.57 16.18 24.26
N ARG A 304 18.26 15.99 24.39
CA ARG A 304 17.31 16.78 23.61
C ARG A 304 16.48 17.76 24.45
N GLY A 305 16.98 18.07 25.64
CA GLY A 305 16.35 19.06 26.48
C GLY A 305 14.94 18.65 26.83
N LYS A 306 13.99 19.52 26.48
CA LYS A 306 12.60 19.33 26.87
C LYS A 306 11.78 18.63 25.77
N ASP A 307 12.45 18.12 24.76
CA ASP A 307 11.77 17.29 23.78
C ASP A 307 11.10 16.12 24.48
N VAL A 308 11.66 15.71 25.62
CA VAL A 308 11.12 14.57 26.36
C VAL A 308 9.66 14.84 26.77
N ILE A 309 9.39 16.08 27.15
CA ILE A 309 8.03 16.49 27.47
C ILE A 309 7.14 16.60 26.24
N LEU A 310 7.68 17.18 25.17
CA LEU A 310 6.94 17.31 23.92
C LEU A 310 6.47 15.94 23.46
N LEU A 311 7.40 15.00 23.49
CA LEU A 311 7.12 13.65 23.04
C LEU A 311 6.10 12.97 23.95
N ALA A 312 6.25 13.17 25.26
CA ALA A 312 5.34 12.57 26.22
C ALA A 312 3.91 13.05 25.97
N GLU A 313 3.77 14.34 25.75
CA GLU A 313 2.46 14.93 25.52
C GLU A 313 1.87 14.41 24.21
N TYR A 314 2.75 14.22 23.23
CA TYR A 314 2.33 13.73 21.93
C TYR A 314 1.83 12.29 22.04
N PHE A 315 2.53 11.48 22.84
CA PHE A 315 2.14 10.08 23.00
C PHE A 315 0.90 9.96 23.89
N LEU A 316 0.88 10.74 24.97
CA LEU A 316 -0.25 10.74 25.90
C LEU A 316 -1.54 11.07 25.18
N LYS A 317 -1.51 12.05 24.27
CA LYS A 317 -2.69 12.42 23.52
C LYS A 317 -3.07 11.30 22.55
N LYS A 318 -2.10 10.85 21.78
CA LYS A 318 -2.35 9.86 20.75
C LYS A 318 -2.98 8.58 21.31
N PHE A 319 -2.51 8.16 22.48
CA PHE A 319 -2.98 6.93 23.09
C PHE A 319 -4.31 7.14 23.83
N ALA A 320 -4.39 8.18 24.64
CA ALA A 320 -5.62 8.51 25.36
C ALA A 320 -6.81 8.63 24.39
N LYS A 321 -6.56 9.21 23.23
CA LYS A 321 -7.59 9.33 22.22
C LYS A 321 -7.92 7.94 21.67
N GLU A 322 -6.87 7.16 21.41
CA GLU A 322 -7.02 5.88 20.73
C GLU A 322 -7.54 4.75 21.62
N TYR A 323 -7.24 4.81 22.92
CA TYR A 323 -7.73 3.81 23.87
C TYR A 323 -8.89 4.37 24.70
N LYS A 324 -9.62 5.33 24.13
CA LYS A 324 -10.73 5.97 24.80
C LYS A 324 -10.48 6.23 26.28
N LYS A 325 -9.37 6.88 26.63
CA LYS A 325 -9.13 7.22 28.03
C LYS A 325 -9.29 8.73 28.28
N ASN A 326 -9.44 9.10 29.54
CA ASN A 326 -9.69 10.49 29.88
C ASN A 326 -8.56 11.09 30.72
N CYS A 327 -7.33 10.95 30.21
CA CYS A 327 -6.14 11.47 30.89
C CYS A 327 -5.29 12.22 29.88
N PHE A 328 -5.52 13.52 29.77
CA PHE A 328 -4.87 14.31 28.73
C PHE A 328 -3.79 15.27 29.19
N GLU A 329 -3.61 15.42 30.49
CA GLU A 329 -2.52 16.27 30.96
C GLU A 329 -1.50 15.51 31.78
N LEU A 330 -0.24 15.88 31.59
CA LEU A 330 0.85 15.41 32.44
C LEU A 330 0.97 16.33 33.62
N SER A 331 1.02 15.76 34.82
CA SER A 331 1.19 16.57 36.02
C SER A 331 2.56 17.24 35.96
N GLU A 332 2.70 18.35 36.66
CA GLU A 332 4.00 19.01 36.73
C GLU A 332 5.01 18.06 37.36
N GLU A 333 4.55 17.28 38.32
CA GLU A 333 5.39 16.27 38.97
C GLU A 333 5.94 15.29 37.93
N THR A 334 5.04 14.82 37.06
CA THR A 334 5.41 13.88 36.00
C THR A 334 6.48 14.46 35.08
N LYS A 335 6.29 15.70 34.65
CA LYS A 335 7.26 16.36 33.78
C LYS A 335 8.65 16.37 34.41
N GLU A 336 8.72 16.70 35.70
CA GLU A 336 9.98 16.69 36.42
C GLU A 336 10.59 15.30 36.41
N TYR A 337 9.77 14.29 36.66
CA TYR A 337 10.24 12.90 36.69
C TYR A 337 10.85 12.45 35.36
N LEU A 338 10.20 12.79 34.25
CA LEU A 338 10.69 12.40 32.93
C LEU A 338 12.07 13.01 32.66
N MSE A 339 12.23 14.28 33.03
CA MSE A 339 13.45 15.02 32.79
C MSE A 339 14.64 14.47 33.57
O MSE A 339 15.79 14.81 33.28
CB MSE A 339 13.24 16.50 33.13
CG MSE A 339 12.26 17.18 32.21
SE MSE A 339 13.14 17.68 30.55
CE MSE A 339 14.35 19.02 31.28
N LYS A 340 14.36 13.62 34.55
CA LYS A 340 15.42 13.07 35.38
C LYS A 340 15.84 11.69 34.92
N GLN A 341 15.19 11.19 33.88
CA GLN A 341 15.50 9.85 33.39
C GLN A 341 16.61 9.85 32.35
N GLU A 342 17.33 8.74 32.26
CA GLU A 342 18.39 8.55 31.28
C GLU A 342 17.87 8.15 29.90
N TRP A 343 16.83 7.32 29.87
CA TRP A 343 16.25 6.83 28.63
C TRP A 343 17.25 6.05 27.79
N LYS A 344 17.80 4.98 28.34
CA LYS A 344 18.74 4.15 27.58
C LYS A 344 18.08 3.56 26.34
N GLY A 345 16.77 3.36 26.40
CA GLY A 345 15.99 2.94 25.24
C GLY A 345 15.41 4.11 24.47
N ASN A 346 15.75 5.33 24.89
CA ASN A 346 15.36 6.52 24.17
C ASN A 346 13.86 6.66 23.91
N VAL A 347 13.46 6.98 22.69
CA VAL A 347 12.07 7.33 22.40
C VAL A 347 11.21 6.08 22.47
N ARG A 348 11.82 4.96 22.11
CA ARG A 348 11.15 3.68 22.14
C ARG A 348 10.75 3.36 23.59
N GLU A 349 11.66 3.61 24.52
CA GLU A 349 11.38 3.46 25.94
C GLU A 349 10.26 4.42 26.40
N LEU A 350 10.42 5.71 26.10
CA LEU A 350 9.42 6.71 26.46
C LEU A 350 8.01 6.36 25.94
N LYS A 351 7.93 5.97 24.67
CA LYS A 351 6.63 5.71 24.07
C LYS A 351 5.94 4.59 24.82
N ASN A 352 6.64 3.49 24.99
CA ASN A 352 6.10 2.35 25.67
C ASN A 352 5.73 2.67 27.12
N LEU A 353 6.51 3.54 27.75
CA LEU A 353 6.22 3.92 29.13
C LEU A 353 4.94 4.76 29.22
N ILE A 354 4.66 5.57 28.21
CA ILE A 354 3.49 6.44 28.23
C ILE A 354 2.26 5.63 27.84
N GLU A 355 2.47 4.63 26.98
CA GLU A 355 1.36 3.83 26.51
C GLU A 355 0.87 3.00 27.67
N ARG A 356 1.83 2.57 28.48
CA ARG A 356 1.54 1.82 29.68
C ARG A 356 0.69 2.68 30.60
N ALA A 357 1.16 3.89 30.87
CA ALA A 357 0.45 4.83 31.73
C ALA A 357 -1.02 4.96 31.34
N VAL A 358 -1.30 5.04 30.03
CA VAL A 358 -2.64 5.25 29.51
C VAL A 358 -3.50 4.01 29.62
N ILE A 359 -2.88 2.85 29.43
CA ILE A 359 -3.57 1.56 29.53
C ILE A 359 -4.13 1.36 30.95
N LEU A 360 -3.40 1.83 31.95
CA LEU A 360 -3.83 1.79 33.34
C LEU A 360 -4.36 3.15 33.78
N CYS A 361 -5.03 3.86 32.89
CA CYS A 361 -5.27 5.29 33.11
C CYS A 361 -6.23 5.67 34.23
N GLU A 362 -6.23 6.96 34.56
CA GLU A 362 -7.21 7.56 35.48
C GLU A 362 -7.76 8.85 34.86
N GLY A 363 -7.81 9.90 35.66
CA GLY A 363 -8.21 11.22 35.18
C GLY A 363 -7.04 12.04 34.67
N GLU A 364 -5.93 12.00 35.40
CA GLU A 364 -4.69 12.67 35.00
C GLU A 364 -3.49 11.85 35.44
N VAL A 365 -2.44 11.85 34.63
CA VAL A 365 -1.31 10.94 34.86
C VAL A 365 -0.22 11.50 35.77
N ILE A 366 0.06 10.76 36.84
CA ILE A 366 1.15 11.07 37.76
C ILE A 366 2.15 9.92 37.70
N LYS A 367 3.25 10.02 38.46
CA LYS A 367 4.45 9.28 38.11
C LYS A 367 4.97 8.20 39.06
N PRO A 368 4.35 7.01 39.07
CA PRO A 368 5.02 5.89 39.72
C PRO A 368 6.17 5.35 38.87
N LYS B 1 15.57 1.78 -18.21
CA LYS B 1 14.55 0.74 -18.22
C LYS B 1 14.56 -0.02 -19.55
N ARG B 2 14.83 -1.32 -19.48
CA ARG B 2 15.03 -2.12 -20.67
C ARG B 2 13.73 -2.52 -21.36
N VAL B 3 13.77 -2.53 -22.69
CA VAL B 3 12.68 -3.04 -23.50
C VAL B 3 13.28 -3.96 -24.55
N LEU B 4 12.69 -5.13 -24.72
CA LEU B 4 13.14 -6.06 -25.74
C LEU B 4 12.13 -6.11 -26.88
N VAL B 5 12.60 -5.84 -28.08
CA VAL B 5 11.75 -5.90 -29.26
C VAL B 5 12.09 -7.13 -30.07
N VAL B 6 11.16 -8.08 -30.08
CA VAL B 6 11.34 -9.34 -30.78
C VAL B 6 10.58 -9.31 -32.10
N ASP B 7 11.30 -9.12 -33.20
CA ASP B 7 10.65 -9.07 -34.50
C ASP B 7 11.55 -9.48 -35.67
N ASP B 8 10.95 -10.13 -36.65
CA ASP B 8 11.64 -10.66 -37.82
C ASP B 8 12.13 -9.56 -38.78
N GLU B 9 11.42 -8.44 -38.82
CA GLU B 9 11.74 -7.33 -39.72
C GLU B 9 12.79 -6.38 -39.17
N GLU B 10 13.73 -5.99 -40.01
CA GLU B 10 14.82 -5.09 -39.64
C GLU B 10 14.30 -3.67 -39.44
N SER B 11 13.38 -3.24 -40.30
CA SER B 11 12.82 -1.89 -40.23
C SER B 11 12.06 -1.70 -38.92
N ILE B 12 11.44 -2.78 -38.46
CA ILE B 12 10.69 -2.75 -37.21
C ILE B 12 11.62 -2.59 -36.02
N THR B 13 12.50 -3.58 -35.83
CA THR B 13 13.41 -3.55 -34.71
C THR B 13 14.26 -2.28 -34.67
N SER B 14 14.70 -1.80 -35.84
CA SER B 14 15.47 -0.56 -35.90
C SER B 14 14.66 0.68 -35.56
N SER B 15 13.53 0.86 -36.23
CA SER B 15 12.63 1.98 -35.91
C SER B 15 12.27 2.01 -34.43
N LEU B 16 11.71 0.91 -33.93
CA LEU B 16 11.19 0.89 -32.57
C LEU B 16 12.30 1.11 -31.55
N SER B 17 13.47 0.52 -31.80
CA SER B 17 14.63 0.77 -30.97
C SER B 17 14.94 2.26 -30.89
N ALA B 18 14.93 2.92 -32.04
CA ALA B 18 15.34 4.33 -32.10
C ALA B 18 14.33 5.19 -31.37
N ILE B 19 13.05 4.82 -31.49
CA ILE B 19 12.00 5.52 -30.78
C ILE B 19 12.13 5.29 -29.27
N LEU B 20 12.30 4.04 -28.87
CA LEU B 20 12.47 3.75 -27.45
C LEU B 20 13.66 4.52 -26.87
N GLU B 21 14.81 4.40 -27.53
CA GLU B 21 16.05 5.08 -27.16
C GLU B 21 15.85 6.58 -26.97
N GLU B 22 15.14 7.21 -27.90
CA GLU B 22 14.87 8.63 -27.83
C GLU B 22 14.03 9.01 -26.62
N GLU B 23 13.16 8.11 -26.19
CA GLU B 23 12.22 8.41 -25.12
C GLU B 23 12.77 8.09 -23.74
N GLY B 24 13.98 7.57 -23.66
CA GLY B 24 14.61 7.32 -22.38
C GLY B 24 14.79 5.85 -22.02
N TYR B 25 14.21 4.97 -22.84
CA TYR B 25 14.30 3.55 -22.55
C TYR B 25 15.64 2.99 -23.02
N HIS B 26 15.84 1.71 -22.75
CA HIS B 26 17.09 1.04 -23.08
C HIS B 26 16.71 -0.19 -23.89
N PRO B 27 16.55 -0.02 -25.21
CA PRO B 27 16.06 -1.10 -26.09
C PRO B 27 17.09 -2.19 -26.34
N ASP B 28 16.60 -3.40 -26.57
CA ASP B 28 17.40 -4.54 -27.01
C ASP B 28 16.51 -5.19 -28.06
N THR B 29 17.12 -5.88 -29.04
CA THR B 29 16.30 -6.54 -30.06
C THR B 29 16.67 -8.00 -30.30
N ALA B 30 15.70 -8.78 -30.75
CA ALA B 30 15.92 -10.16 -31.17
C ALA B 30 15.18 -10.43 -32.48
N LYS B 31 15.88 -11.05 -33.44
CA LYS B 31 15.32 -11.31 -34.76
C LYS B 31 14.73 -12.71 -34.89
N THR B 32 14.97 -13.55 -33.88
CA THR B 32 14.44 -14.91 -33.85
C THR B 32 14.01 -15.24 -32.44
N LEU B 33 13.17 -16.26 -32.30
CA LEU B 33 12.75 -16.73 -30.99
C LEU B 33 13.92 -17.35 -30.23
N ARG B 34 14.81 -18.00 -30.97
CA ARG B 34 16.02 -18.54 -30.37
C ARG B 34 16.84 -17.42 -29.71
N GLU B 35 17.03 -16.32 -30.43
CA GLU B 35 17.76 -15.18 -29.90
C GLU B 35 17.01 -14.53 -28.74
N ALA B 36 15.69 -14.45 -28.83
CA ALA B 36 14.89 -13.90 -27.75
C ALA B 36 14.99 -14.76 -26.49
N GLU B 37 14.99 -16.09 -26.65
CA GLU B 37 15.12 -16.99 -25.50
C GLU B 37 16.43 -16.75 -24.76
N LYS B 38 17.50 -16.62 -25.51
CA LYS B 38 18.81 -16.33 -24.96
C LYS B 38 18.77 -15.09 -24.07
N LYS B 39 18.28 -13.98 -24.62
CA LYS B 39 18.32 -12.70 -23.93
C LYS B 39 17.42 -12.62 -22.71
N ILE B 40 16.32 -13.36 -22.74
CA ILE B 40 15.31 -13.29 -21.69
C ILE B 40 15.73 -14.02 -20.42
N LYS B 41 16.32 -15.20 -20.58
CA LYS B 41 16.77 -15.99 -19.44
C LYS B 41 17.98 -15.33 -18.78
N GLU B 42 18.60 -14.41 -19.53
CA GLU B 42 19.83 -13.77 -19.11
C GLU B 42 19.61 -12.34 -18.57
N LEU B 43 18.63 -11.64 -19.16
CA LEU B 43 18.27 -10.30 -18.70
C LEU B 43 16.79 -10.22 -18.39
N PHE B 44 16.42 -9.48 -17.36
CA PHE B 44 15.02 -9.20 -17.13
C PHE B 44 14.56 -7.94 -17.89
N PHE B 45 13.60 -8.11 -18.80
CA PHE B 45 12.95 -6.98 -19.48
C PHE B 45 11.56 -6.70 -18.90
N PRO B 46 11.39 -5.55 -18.23
CA PRO B 46 10.10 -5.19 -17.66
C PRO B 46 9.03 -5.19 -18.73
N VAL B 47 9.40 -4.90 -19.97
CA VAL B 47 8.45 -4.87 -21.09
C VAL B 47 9.05 -5.55 -22.32
N ILE B 48 8.23 -6.35 -22.99
CA ILE B 48 8.67 -7.10 -24.16
C ILE B 48 7.67 -6.94 -25.30
N VAL B 49 8.15 -6.40 -26.42
CA VAL B 49 7.34 -6.25 -27.62
C VAL B 49 7.59 -7.45 -28.54
N LEU B 50 6.53 -8.20 -28.84
CA LEU B 50 6.64 -9.46 -29.56
C LEU B 50 5.67 -9.56 -30.75
N ASP B 51 6.20 -9.82 -31.94
CA ASP B 51 5.36 -10.01 -33.11
C ASP B 51 4.70 -11.39 -33.04
N VAL B 52 3.39 -11.45 -33.29
CA VAL B 52 2.66 -12.72 -33.26
C VAL B 52 3.23 -13.76 -34.22
N TRP B 53 3.91 -13.29 -35.27
CA TRP B 53 4.56 -14.19 -36.22
C TRP B 53 6.08 -14.09 -36.14
N MSE B 54 6.73 -15.24 -35.99
CA MSE B 54 8.18 -15.34 -35.98
C MSE B 54 8.59 -16.49 -36.88
O MSE B 54 7.85 -17.47 -37.01
CB MSE B 54 8.71 -15.56 -34.56
CG MSE B 54 8.63 -14.35 -33.65
SE MSE B 54 9.64 -12.83 -34.37
CE MSE B 54 11.45 -13.57 -34.29
N PRO B 55 9.76 -16.39 -37.53
CA PRO B 55 10.16 -17.40 -38.49
C PRO B 55 10.27 -18.77 -37.82
N ASP B 56 11.07 -18.81 -36.76
CA ASP B 56 11.46 -20.06 -36.12
C ASP B 56 10.50 -20.53 -35.04
N GLY B 57 9.22 -20.26 -35.19
CA GLY B 57 8.25 -20.70 -34.21
C GLY B 57 7.02 -19.83 -34.10
N ASP B 58 6.05 -20.30 -33.32
CA ASP B 58 4.79 -19.59 -33.13
C ASP B 58 4.97 -18.53 -32.05
N GLY B 59 4.77 -17.27 -32.43
CA GLY B 59 4.93 -16.15 -31.53
C GLY B 59 3.93 -16.15 -30.39
N VAL B 60 2.68 -16.48 -30.69
CA VAL B 60 1.66 -16.47 -29.67
C VAL B 60 1.95 -17.47 -28.55
N ASN B 61 2.53 -18.60 -28.92
CA ASN B 61 2.92 -19.61 -27.93
C ASN B 61 4.08 -19.15 -27.06
N PHE B 62 5.01 -18.43 -27.69
CA PHE B 62 6.18 -17.92 -27.00
C PHE B 62 5.80 -17.14 -25.76
N ILE B 63 4.55 -16.74 -25.65
CA ILE B 63 4.08 -16.07 -24.46
C ILE B 63 4.25 -16.98 -23.24
N ASP B 64 4.02 -18.27 -23.43
CA ASP B 64 4.17 -19.23 -22.34
C ASP B 64 5.62 -19.30 -21.87
N PHE B 65 6.54 -19.30 -22.82
CA PHE B 65 7.95 -19.30 -22.47
C PHE B 65 8.21 -18.12 -21.57
N ILE B 66 7.82 -16.94 -22.03
CA ILE B 66 8.03 -15.70 -21.29
C ILE B 66 7.41 -15.80 -19.91
N LYS B 67 6.18 -16.32 -19.87
CA LYS B 67 5.40 -16.40 -18.65
C LYS B 67 6.10 -17.35 -17.66
N GLU B 68 6.96 -18.21 -18.19
CA GLU B 68 7.66 -19.20 -17.40
C GLU B 68 9.04 -18.73 -16.96
N ASN B 69 9.73 -18.00 -17.83
CA ASN B 69 11.11 -17.60 -17.58
C ASN B 69 11.25 -16.14 -17.15
N SER B 70 10.18 -15.36 -17.32
CA SER B 70 10.20 -13.95 -16.93
C SER B 70 8.78 -13.51 -16.56
N PRO B 71 8.26 -14.05 -15.45
CA PRO B 71 6.86 -13.88 -15.00
C PRO B 71 6.43 -12.43 -14.92
N ASP B 72 7.31 -11.54 -14.48
CA ASP B 72 6.95 -10.12 -14.30
C ASP B 72 7.08 -9.28 -15.56
N SER B 73 7.41 -9.91 -16.69
CA SER B 73 7.49 -9.16 -17.94
C SER B 73 6.10 -8.85 -18.44
N VAL B 74 5.90 -7.62 -18.89
CA VAL B 74 4.63 -7.24 -19.48
C VAL B 74 4.77 -7.26 -21.00
N VAL B 75 3.86 -7.96 -21.67
CA VAL B 75 4.02 -8.22 -23.10
C VAL B 75 3.02 -7.45 -23.98
N ILE B 76 3.56 -6.77 -24.97
CA ILE B 76 2.76 -6.14 -26.00
C ILE B 76 3.03 -6.92 -27.28
N VAL B 77 1.98 -7.41 -27.91
CA VAL B 77 2.15 -8.16 -29.13
C VAL B 77 1.78 -7.31 -30.32
N ILE B 78 2.53 -7.48 -31.40
CA ILE B 78 2.25 -6.79 -32.64
C ILE B 78 1.50 -7.71 -33.59
N THR B 79 0.49 -7.17 -34.26
CA THR B 79 -0.34 -7.97 -35.14
C THR B 79 -0.53 -7.29 -36.48
N GLY B 80 -0.66 -8.10 -37.53
CA GLY B 80 -0.91 -7.55 -38.85
C GLY B 80 -2.30 -6.93 -38.88
N HIS B 81 -2.53 -6.03 -39.82
CA HIS B 81 -3.83 -5.39 -39.95
C HIS B 81 -4.91 -6.45 -40.23
N GLY B 82 -6.01 -6.38 -39.48
CA GLY B 82 -7.11 -7.30 -39.70
C GLY B 82 -6.96 -8.62 -38.99
N SER B 83 -5.73 -9.13 -38.91
CA SER B 83 -5.49 -10.39 -38.21
C SER B 83 -5.45 -10.15 -36.71
N VAL B 84 -6.43 -9.40 -36.22
CA VAL B 84 -6.58 -9.16 -34.79
C VAL B 84 -7.01 -10.44 -34.07
N ASP B 85 -7.55 -11.39 -34.82
CA ASP B 85 -7.97 -12.69 -34.29
C ASP B 85 -6.84 -13.27 -33.45
N THR B 86 -5.64 -13.22 -34.01
CA THR B 86 -4.46 -13.80 -33.38
C THR B 86 -4.01 -13.01 -32.16
N ALA B 87 -4.36 -11.74 -32.12
CA ALA B 87 -4.02 -10.90 -30.97
C ALA B 87 -4.85 -11.33 -29.77
N VAL B 88 -6.14 -11.58 -30.02
CA VAL B 88 -7.03 -12.05 -28.99
C VAL B 88 -6.45 -13.31 -28.34
N LYS B 89 -5.92 -14.20 -29.16
CA LYS B 89 -5.32 -15.43 -28.67
C LYS B 89 -4.17 -15.11 -27.70
N ALA B 90 -3.34 -14.15 -28.08
CA ALA B 90 -2.21 -13.74 -27.25
C ALA B 90 -2.67 -13.10 -25.94
N ILE B 91 -3.69 -12.25 -25.99
CA ILE B 91 -4.22 -11.62 -24.78
C ILE B 91 -4.76 -12.69 -23.85
N LYS B 92 -5.39 -13.70 -24.43
CA LYS B 92 -5.91 -14.80 -23.64
C LYS B 92 -4.78 -15.62 -23.01
N LYS B 93 -3.67 -15.77 -23.73
CA LYS B 93 -2.51 -16.48 -23.19
C LYS B 93 -1.75 -15.66 -22.14
N GLY B 94 -2.14 -14.40 -21.96
CA GLY B 94 -1.53 -13.58 -20.93
C GLY B 94 -0.82 -12.31 -21.38
N ALA B 95 -0.77 -12.07 -22.69
CA ALA B 95 -0.25 -10.80 -23.20
C ALA B 95 -1.05 -9.66 -22.56
N TYR B 96 -0.41 -8.52 -22.35
CA TYR B 96 -1.09 -7.38 -21.73
C TYR B 96 -1.83 -6.49 -22.73
N GLU B 97 -1.24 -6.33 -23.90
CA GLU B 97 -1.81 -5.46 -24.93
C GLU B 97 -1.43 -5.96 -26.30
N PHE B 98 -1.96 -5.30 -27.33
CA PHE B 98 -1.63 -5.63 -28.71
C PHE B 98 -1.69 -4.38 -29.58
N LEU B 99 -0.84 -4.36 -30.60
CA LEU B 99 -0.76 -3.25 -31.55
C LEU B 99 -0.95 -3.80 -32.96
N GLU B 100 -2.00 -3.32 -33.63
CA GLU B 100 -2.28 -3.74 -34.99
C GLU B 100 -1.55 -2.86 -35.99
N LYS B 101 -0.57 -3.42 -36.70
CA LYS B 101 0.07 -2.72 -37.80
C LYS B 101 -1.02 -2.32 -38.78
N PRO B 102 -0.90 -1.12 -39.36
CA PRO B 102 0.15 -0.16 -39.05
C PRO B 102 -0.24 0.72 -37.88
N PHE B 103 0.73 1.19 -37.11
CA PHE B 103 0.43 2.08 -36.01
C PHE B 103 1.37 3.28 -35.98
N SER B 104 0.85 4.40 -35.48
CA SER B 104 1.61 5.62 -35.31
C SER B 104 2.62 5.47 -34.19
N VAL B 105 3.57 6.41 -34.14
CA VAL B 105 4.58 6.46 -33.09
C VAL B 105 3.98 6.82 -31.72
N GLU B 106 2.94 7.65 -31.73
CA GLU B 106 2.27 8.03 -30.50
C GLU B 106 1.51 6.85 -29.90
N ARG B 107 0.80 6.11 -30.75
CA ARG B 107 0.06 4.93 -30.34
C ARG B 107 1.01 3.96 -29.68
N PHE B 108 2.15 3.74 -30.32
CA PHE B 108 3.17 2.86 -29.78
C PHE B 108 3.67 3.34 -28.42
N LEU B 109 4.09 4.61 -28.34
CA LEU B 109 4.67 5.15 -27.11
C LEU B 109 3.65 5.25 -25.98
N LEU B 110 2.38 5.44 -26.33
CA LEU B 110 1.31 5.48 -25.37
C LEU B 110 1.10 4.09 -24.80
N THR B 111 1.18 3.09 -25.66
CA THR B 111 1.03 1.73 -25.19
C THR B 111 2.21 1.30 -24.33
N ILE B 112 3.40 1.76 -24.68
CA ILE B 112 4.61 1.45 -23.91
C ILE B 112 4.53 2.09 -22.53
N LYS B 113 4.07 3.32 -22.49
CA LYS B 113 3.87 4.03 -21.24
C LYS B 113 2.97 3.22 -20.33
N HIS B 114 1.85 2.78 -20.88
CA HIS B 114 0.90 1.99 -20.13
C HIS B 114 1.47 0.65 -19.68
N ALA B 115 2.24 0.01 -20.55
CA ALA B 115 2.84 -1.27 -20.17
C ALA B 115 3.81 -1.16 -18.97
N PHE B 116 4.56 -0.05 -18.91
CA PHE B 116 5.40 0.20 -17.73
C PHE B 116 4.58 0.56 -16.50
N GLU B 117 3.46 1.25 -16.69
CA GLU B 117 2.54 1.49 -15.60
C GLU B 117 2.11 0.15 -15.05
N GLU B 118 1.79 -0.79 -15.94
CA GLU B 118 1.34 -2.11 -15.52
C GLU B 118 2.45 -2.85 -14.77
N TYR B 119 3.66 -2.73 -15.27
CA TYR B 119 4.80 -3.35 -14.62
C TYR B 119 4.99 -2.78 -13.21
N SER B 120 4.90 -1.47 -13.09
CA SER B 120 5.18 -0.80 -11.84
C SER B 120 4.04 -0.86 -10.82
N LYS B 121 2.83 -1.13 -11.27
CA LYS B 121 1.69 -1.21 -10.37
C LYS B 121 1.62 -2.58 -9.70
N LYS B 122 2.15 -2.66 -8.49
CA LYS B 122 2.19 -3.92 -7.77
C LYS B 122 1.85 -3.73 -6.30
N ALA B 123 1.23 -4.76 -5.73
CA ALA B 123 0.93 -4.77 -4.30
C ALA B 123 2.06 -5.46 -3.57
N PRO B 124 2.40 -4.98 -2.37
CA PRO B 124 3.44 -5.56 -1.51
C PRO B 124 3.11 -7.00 -1.15
N PRO B 125 3.69 -7.96 -1.90
CA PRO B 125 3.35 -9.38 -1.75
C PRO B 125 3.52 -9.84 -0.30
N GLN B 126 4.49 -9.27 0.41
CA GLN B 126 4.70 -9.63 1.80
C GLN B 126 3.51 -9.21 2.64
N GLU B 127 3.03 -10.12 3.47
CA GLU B 127 1.83 -9.88 4.24
C GLU B 127 1.51 -11.07 5.14
N GLU B 128 1.86 -10.96 6.41
CA GLU B 128 1.50 -11.98 7.39
C GLU B 128 0.81 -11.36 8.59
N ILE B 129 -0.36 -11.86 8.90
CA ILE B 129 -1.10 -11.39 10.07
C ILE B 129 -1.05 -12.45 11.15
N GLU B 130 -0.51 -12.08 12.30
CA GLU B 130 -0.34 -13.01 13.40
C GLU B 130 -1.56 -13.01 14.31
N PHE B 131 -2.22 -14.16 14.37
CA PHE B 131 -3.37 -14.34 15.24
C PHE B 131 -3.00 -15.50 16.13
N VAL B 132 -2.39 -15.20 17.25
CA VAL B 132 -1.91 -16.23 18.15
C VAL B 132 -2.97 -16.64 19.14
N GLY B 133 -3.20 -17.96 19.23
CA GLY B 133 -4.12 -18.53 20.19
C GLY B 133 -4.46 -19.97 19.85
N GLU B 134 -4.46 -20.82 20.88
CA GLU B 134 -4.85 -22.23 20.77
C GLU B 134 -6.02 -22.59 21.67
N HIS B 135 -6.58 -21.61 22.38
CA HIS B 135 -7.76 -21.91 23.16
C HIS B 135 -8.90 -22.31 22.23
N PRO B 136 -9.69 -23.31 22.64
CA PRO B 136 -10.78 -23.81 21.80
C PRO B 136 -11.71 -22.71 21.33
N LYS B 137 -11.91 -21.65 22.12
CA LYS B 137 -12.74 -20.55 21.63
C LYS B 137 -12.08 -19.80 20.46
N ILE B 138 -10.76 -19.66 20.53
CA ILE B 138 -9.98 -18.97 19.49
C ILE B 138 -9.82 -19.86 18.24
N LEU B 139 -9.58 -21.15 18.45
CA LEU B 139 -9.55 -22.09 17.33
C LEU B 139 -10.86 -22.06 16.53
N GLU B 140 -12.00 -21.96 17.22
CA GLU B 140 -13.29 -21.91 16.53
C GLU B 140 -13.42 -20.68 15.67
N ILE B 141 -12.96 -19.54 16.19
CA ILE B 141 -12.98 -18.28 15.47
C ILE B 141 -12.13 -18.39 14.22
N LYS B 142 -10.99 -19.06 14.36
CA LYS B 142 -10.07 -19.28 13.25
C LYS B 142 -10.70 -20.12 12.13
N ARG B 143 -11.51 -21.11 12.49
CA ARG B 143 -12.23 -21.91 11.50
C ARG B 143 -13.36 -21.11 10.85
N LEU B 144 -14.03 -20.30 11.66
CA LEU B 144 -15.12 -19.48 11.19
C LEU B 144 -14.68 -18.48 10.13
N ILE B 145 -13.61 -17.74 10.44
CA ILE B 145 -13.13 -16.62 9.63
C ILE B 145 -13.11 -16.85 8.10
N PRO B 146 -12.50 -17.94 7.64
CA PRO B 146 -12.44 -18.21 6.19
C PRO B 146 -13.83 -18.37 5.56
N LYS B 147 -14.76 -18.97 6.29
CA LYS B 147 -16.13 -19.13 5.78
C LYS B 147 -16.88 -17.78 5.70
N ILE B 148 -17.00 -17.12 6.84
CA ILE B 148 -17.53 -15.77 6.94
C ILE B 148 -17.00 -14.82 5.87
N ALA B 149 -15.71 -14.96 5.54
CA ALA B 149 -15.00 -14.00 4.70
C ALA B 149 -15.55 -13.90 3.27
N LYS B 150 -15.78 -15.04 2.63
CA LYS B 150 -16.12 -15.05 1.21
C LYS B 150 -17.41 -14.31 0.88
N SER B 151 -18.23 -14.07 1.89
CA SER B 151 -19.52 -13.38 1.75
C SER B 151 -19.39 -11.86 1.73
N LYS B 152 -20.44 -11.17 1.29
CA LYS B 152 -20.41 -9.71 1.33
C LYS B 152 -21.24 -9.14 2.46
N ALA B 153 -21.92 -10.00 3.21
CA ALA B 153 -22.71 -9.53 4.33
C ALA B 153 -21.78 -8.98 5.41
N PRO B 154 -22.21 -7.89 6.09
CA PRO B 154 -21.44 -7.21 7.14
C PRO B 154 -21.20 -8.07 8.36
N VAL B 155 -20.07 -7.85 9.02
CA VAL B 155 -19.69 -8.63 10.19
C VAL B 155 -19.55 -7.70 11.38
N LEU B 156 -20.15 -8.10 12.50
CA LEU B 156 -20.03 -7.35 13.74
C LEU B 156 -19.20 -8.15 14.73
N ILE B 157 -18.12 -7.54 15.21
CA ILE B 157 -17.18 -8.21 16.08
C ILE B 157 -17.28 -7.56 17.45
N THR B 158 -17.67 -8.36 18.44
CA THR B 158 -17.85 -7.84 19.78
C THR B 158 -16.74 -8.36 20.68
N GLY B 159 -16.28 -7.51 21.58
CA GLY B 159 -15.25 -7.88 22.52
C GLY B 159 -14.69 -6.69 23.27
N GLU B 160 -14.05 -6.94 24.41
CA GLU B 160 -13.47 -5.85 25.19
C GLU B 160 -12.32 -5.17 24.43
N SER B 161 -11.92 -4.01 24.93
CA SER B 161 -10.78 -3.29 24.38
C SER B 161 -9.53 -4.16 24.38
N GLY B 162 -8.82 -4.16 23.24
CA GLY B 162 -7.54 -4.83 23.14
C GLY B 162 -7.61 -6.31 22.91
N THR B 163 -8.77 -6.80 22.49
CA THR B 163 -8.93 -8.24 22.28
C THR B 163 -8.59 -8.74 20.88
N GLY B 164 -8.20 -7.84 19.98
CA GLY B 164 -7.77 -8.26 18.66
C GLY B 164 -8.84 -8.11 17.59
N LYS B 165 -9.73 -7.15 17.75
CA LYS B 165 -10.84 -6.99 16.81
C LYS B 165 -10.35 -6.58 15.43
N GLU B 166 -9.43 -5.63 15.38
CA GLU B 166 -8.90 -5.17 14.12
C GLU B 166 -8.13 -6.26 13.40
N ILE B 167 -7.49 -7.13 14.17
CA ILE B 167 -6.77 -8.26 13.58
C ILE B 167 -7.70 -9.19 12.83
N VAL B 168 -8.71 -9.69 13.54
CA VAL B 168 -9.74 -10.55 12.97
C VAL B 168 -10.36 -9.92 11.72
N ALA B 169 -10.59 -8.61 11.76
CA ALA B 169 -11.15 -7.89 10.63
C ALA B 169 -10.24 -7.91 9.39
N ARG B 170 -8.92 -7.82 9.59
CA ARG B 170 -7.98 -7.89 8.47
C ARG B 170 -7.90 -9.30 7.91
N LEU B 171 -7.90 -10.27 8.81
CA LEU B 171 -7.94 -11.67 8.42
C LEU B 171 -9.15 -11.94 7.52
N ILE B 172 -10.31 -11.37 7.89
CA ILE B 172 -11.53 -11.58 7.12
C ILE B 172 -11.40 -10.91 5.75
N HIS B 173 -10.95 -9.66 5.74
CA HIS B 173 -10.68 -8.97 4.50
C HIS B 173 -9.72 -9.81 3.64
N ARG B 174 -8.63 -10.24 4.26
CA ARG B 174 -7.64 -11.07 3.59
C ARG B 174 -8.31 -12.29 2.95
N TYR B 175 -8.95 -13.12 3.76
CA TYR B 175 -9.59 -14.32 3.24
C TYR B 175 -10.75 -14.05 2.29
N SER B 176 -11.25 -12.81 2.28
CA SER B 176 -12.40 -12.51 1.46
C SER B 176 -11.99 -12.44 -0.01
N GLY B 177 -10.75 -12.05 -0.24
CA GLY B 177 -10.23 -11.95 -1.58
C GLY B 177 -10.47 -10.61 -2.25
N ARG B 178 -11.25 -9.75 -1.62
CA ARG B 178 -11.53 -8.42 -2.18
C ARG B 178 -10.24 -7.69 -2.52
N LYS B 179 -10.27 -6.93 -3.61
CA LYS B 179 -9.07 -6.33 -4.16
C LYS B 179 -8.81 -4.90 -3.69
N GLY B 180 -9.86 -4.20 -3.26
CA GLY B 180 -9.71 -2.84 -2.76
C GLY B 180 -9.03 -2.77 -1.40
N ALA B 181 -9.05 -1.59 -0.80
CA ALA B 181 -8.29 -1.33 0.42
C ALA B 181 -9.00 -1.80 1.69
N PHE B 182 -8.21 -2.06 2.73
CA PHE B 182 -8.76 -2.24 4.06
C PHE B 182 -8.77 -0.85 4.66
N VAL B 183 -9.94 -0.33 4.95
CA VAL B 183 -10.04 1.07 5.39
C VAL B 183 -10.56 1.19 6.81
N ASP B 184 -9.67 1.61 7.70
CA ASP B 184 -9.94 1.71 9.13
C ASP B 184 -10.56 3.05 9.51
N LEU B 185 -11.70 3.01 10.18
CA LEU B 185 -12.24 4.23 10.76
C LEU B 185 -12.54 4.05 12.24
N ASN B 186 -11.77 4.73 13.07
CA ASN B 186 -11.97 4.69 14.52
C ASN B 186 -13.03 5.70 14.93
N CYS B 187 -14.25 5.20 15.15
CA CYS B 187 -15.39 6.05 15.43
C CYS B 187 -15.28 6.77 16.77
N ALA B 188 -14.25 6.43 17.54
CA ALA B 188 -14.03 7.05 18.84
C ALA B 188 -12.97 8.15 18.74
N SER B 189 -11.77 7.76 18.31
CA SER B 189 -10.67 8.71 18.13
C SER B 189 -11.09 9.99 17.43
N ILE B 190 -12.03 9.87 16.51
CA ILE B 190 -12.49 11.03 15.75
C ILE B 190 -13.52 11.84 16.53
N PRO B 191 -13.30 13.17 16.60
CA PRO B 191 -14.26 14.08 17.25
C PRO B 191 -15.64 13.93 16.64
N GLN B 192 -16.67 14.02 17.47
CA GLN B 192 -18.06 13.88 17.01
C GLN B 192 -18.32 14.66 15.73
N GLU B 193 -17.54 15.71 15.50
CA GLU B 193 -17.70 16.55 14.33
C GLU B 193 -17.19 15.87 13.05
N LEU B 194 -15.92 15.48 13.06
CA LEU B 194 -15.30 14.87 11.90
C LEU B 194 -16.00 13.58 11.49
N ALA B 195 -16.86 13.07 12.36
CA ALA B 195 -17.59 11.85 12.10
C ALA B 195 -18.11 11.79 10.67
N GLU B 196 -19.06 12.67 10.36
CA GLU B 196 -19.70 12.68 9.05
C GLU B 196 -18.70 13.00 7.93
N SER B 197 -17.69 13.78 8.27
CA SER B 197 -16.72 14.22 7.28
C SER B 197 -15.76 13.09 6.86
N GLU B 198 -15.26 12.34 7.83
CA GLU B 198 -14.36 11.24 7.55
C GLU B 198 -15.01 10.19 6.64
N LEU B 199 -16.25 9.85 6.94
CA LEU B 199 -17.00 8.84 6.19
C LEU B 199 -17.34 9.25 4.75
N PHE B 200 -17.90 10.43 4.59
CA PHE B 200 -18.53 10.84 3.33
C PHE B 200 -17.71 11.79 2.44
N GLY B 201 -16.77 12.52 3.03
CA GLY B 201 -15.98 13.47 2.27
C GLY B 201 -16.70 14.80 2.03
N HIS B 202 -16.02 15.74 1.39
CA HIS B 202 -16.59 17.04 1.05
C HIS B 202 -15.89 17.65 -0.16
N GLU B 203 -16.31 18.86 -0.54
CA GLU B 203 -15.65 19.56 -1.66
C GLU B 203 -15.40 21.06 -1.46
N LYS B 204 -16.45 21.86 -1.46
CA LYS B 204 -16.28 23.31 -1.47
C LYS B 204 -16.91 24.07 -0.30
N GLY B 205 -16.06 24.64 0.55
CA GLY B 205 -16.46 25.57 1.58
C GLY B 205 -17.68 25.23 2.42
N ALA B 206 -17.91 23.94 2.66
CA ALA B 206 -18.98 23.52 3.56
C ALA B 206 -18.76 24.15 4.92
N PHE B 207 -17.85 23.55 5.70
CA PHE B 207 -17.43 24.15 6.96
C PHE B 207 -16.33 25.17 6.67
N THR B 208 -15.94 25.91 7.71
CA THR B 208 -15.01 27.02 7.56
C THR B 208 -13.82 26.78 6.61
N GLY B 209 -13.96 27.25 5.37
CA GLY B 209 -12.85 27.35 4.44
C GLY B 209 -12.38 26.10 3.71
N ALA B 210 -13.08 24.99 3.87
CA ALA B 210 -12.67 23.76 3.22
C ALA B 210 -13.04 23.75 1.74
N LEU B 211 -12.31 24.51 0.94
CA LEU B 211 -12.56 24.57 -0.50
C LEU B 211 -11.82 23.45 -1.23
N THR B 212 -11.15 22.61 -0.47
CA THR B 212 -10.37 21.50 -1.02
C THR B 212 -11.13 20.17 -0.90
N ARG B 213 -11.30 19.49 -2.04
CA ARG B 213 -12.00 18.21 -2.08
C ARG B 213 -11.34 17.14 -1.23
N LYS B 214 -12.16 16.37 -0.52
CA LYS B 214 -11.67 15.23 0.25
C LYS B 214 -12.54 14.01 0.04
N LYS B 215 -11.91 12.85 -0.16
CA LYS B 215 -12.64 11.62 -0.35
C LYS B 215 -13.00 10.98 0.99
N GLY B 216 -14.23 10.50 1.11
CA GLY B 216 -14.64 9.80 2.31
C GLY B 216 -14.03 8.41 2.40
N LYS B 217 -14.14 7.79 3.56
CA LYS B 217 -13.62 6.44 3.75
C LYS B 217 -14.51 5.45 2.99
N LEU B 218 -15.78 5.83 2.82
CA LEU B 218 -16.72 5.04 2.04
C LEU B 218 -16.15 4.85 0.64
N GLU B 219 -15.71 5.98 0.09
CA GLU B 219 -15.13 6.06 -1.24
C GLU B 219 -13.84 5.27 -1.31
N LEU B 220 -13.00 5.45 -0.29
CA LEU B 220 -11.68 4.82 -0.27
C LEU B 220 -11.74 3.30 -0.06
N ALA B 221 -12.84 2.82 0.49
CA ALA B 221 -12.98 1.38 0.73
C ALA B 221 -13.57 0.64 -0.46
N ASP B 222 -13.73 1.36 -1.57
CA ASP B 222 -14.40 0.81 -2.74
C ASP B 222 -13.73 -0.47 -3.22
N GLN B 223 -14.52 -1.52 -3.42
CA GLN B 223 -14.03 -2.86 -3.78
C GLN B 223 -13.24 -3.52 -2.66
N GLY B 224 -13.17 -2.84 -1.52
CA GLY B 224 -12.43 -3.34 -0.38
C GLY B 224 -13.30 -3.54 0.85
N THR B 225 -12.77 -3.20 2.02
CA THR B 225 -13.44 -3.46 3.27
C THR B 225 -13.39 -2.22 4.14
N LEU B 226 -14.53 -1.86 4.72
CA LEU B 226 -14.57 -0.73 5.64
C LEU B 226 -14.72 -1.21 7.09
N PHE B 227 -13.70 -0.96 7.90
CA PHE B 227 -13.74 -1.35 9.31
C PHE B 227 -14.22 -0.18 10.16
N LEU B 228 -15.40 -0.32 10.76
CA LEU B 228 -15.93 0.71 11.64
C LEU B 228 -15.61 0.36 13.08
N ASP B 229 -14.44 0.79 13.56
CA ASP B 229 -14.04 0.54 14.94
C ASP B 229 -14.92 1.35 15.89
N GLU B 230 -15.49 0.68 16.89
CA GLU B 230 -16.41 1.32 17.84
C GLU B 230 -17.64 1.92 17.16
N VAL B 231 -18.35 1.11 16.38
CA VAL B 231 -19.45 1.58 15.54
C VAL B 231 -20.53 2.19 16.40
N GLY B 232 -20.58 1.79 17.67
CA GLY B 232 -21.57 2.32 18.60
C GLY B 232 -21.37 3.78 18.96
N GLU B 233 -20.14 4.27 18.79
CA GLU B 233 -19.81 5.65 19.11
C GLU B 233 -20.23 6.65 18.03
N LEU B 234 -21.03 6.19 17.08
CA LEU B 234 -21.54 7.06 16.03
C LEU B 234 -22.84 7.70 16.48
N ASP B 235 -22.96 9.01 16.34
CA ASP B 235 -24.19 9.69 16.70
C ASP B 235 -25.35 9.20 15.83
N GLN B 236 -26.57 9.49 16.25
CA GLN B 236 -27.76 8.96 15.58
C GLN B 236 -27.95 9.52 14.18
N ARG B 237 -27.43 10.73 13.93
CA ARG B 237 -27.47 11.31 12.60
C ARG B 237 -26.67 10.41 11.66
N VAL B 238 -25.38 10.26 11.95
CA VAL B 238 -24.52 9.43 11.14
C VAL B 238 -25.08 8.01 11.03
N GLN B 239 -25.54 7.47 12.14
CA GLN B 239 -26.12 6.12 12.11
C GLN B 239 -27.12 6.04 10.98
N ALA B 240 -27.96 7.06 10.86
CA ALA B 240 -29.00 7.06 9.84
C ALA B 240 -28.43 7.23 8.43
N LYS B 241 -27.46 8.12 8.28
CA LYS B 241 -26.84 8.35 6.99
C LYS B 241 -26.11 7.08 6.53
N LEU B 242 -25.45 6.43 7.47
CA LEU B 242 -24.75 5.18 7.19
C LEU B 242 -25.75 4.10 6.82
N LEU B 243 -26.86 4.05 7.54
CA LEU B 243 -27.92 3.10 7.24
C LEU B 243 -28.40 3.26 5.80
N ARG B 244 -28.52 4.51 5.37
CA ARG B 244 -29.02 4.82 4.04
C ARG B 244 -28.07 4.33 2.95
N VAL B 245 -26.78 4.32 3.27
CA VAL B 245 -25.76 3.93 2.32
C VAL B 245 -25.73 2.42 2.12
N LEU B 246 -26.04 1.68 3.18
CA LEU B 246 -26.11 0.23 3.07
C LEU B 246 -27.35 -0.19 2.30
N GLU B 247 -28.42 0.58 2.43
CA GLU B 247 -29.65 0.31 1.71
C GLU B 247 -29.50 0.59 0.21
N THR B 248 -29.23 1.84 -0.14
CA THR B 248 -29.08 2.24 -1.53
C THR B 248 -27.80 1.69 -2.17
N GLY B 249 -26.67 1.87 -1.50
CA GLY B 249 -25.38 1.49 -2.07
C GLY B 249 -24.71 2.66 -2.75
N SER B 250 -25.06 3.86 -2.31
CA SER B 250 -24.48 5.07 -2.90
C SER B 250 -24.64 6.24 -1.96
N PHE B 251 -23.95 7.34 -2.26
CA PHE B 251 -23.98 8.53 -1.42
C PHE B 251 -23.54 9.78 -2.17
N THR B 252 -23.61 10.91 -1.50
CA THR B 252 -23.01 12.14 -2.04
C THR B 252 -22.04 12.63 -1.00
N ARG B 253 -21.04 13.40 -1.41
CA ARG B 253 -20.14 14.00 -0.45
C ARG B 253 -20.86 15.15 0.23
N LEU B 254 -20.24 15.71 1.26
CA LEU B 254 -20.77 16.90 1.89
C LEU B 254 -20.54 18.10 0.98
N GLY B 255 -21.59 18.84 0.67
CA GLY B 255 -21.48 19.96 -0.23
C GLY B 255 -21.38 19.47 -1.65
N GLY B 256 -21.94 18.29 -1.88
CA GLY B 256 -21.93 17.69 -3.19
C GLY B 256 -23.28 17.08 -3.50
N ASN B 257 -23.58 16.99 -4.79
CA ASN B 257 -24.86 16.45 -5.21
C ASN B 257 -24.65 15.27 -6.16
N GLN B 258 -23.40 15.04 -6.54
CA GLN B 258 -23.06 13.93 -7.42
C GLN B 258 -23.21 12.61 -6.71
N LYS B 259 -24.01 11.72 -7.29
CA LYS B 259 -24.30 10.43 -6.70
C LYS B 259 -23.14 9.47 -6.95
N ILE B 260 -22.55 8.96 -5.88
CA ILE B 260 -21.40 8.06 -5.97
C ILE B 260 -21.73 6.65 -5.45
N GLU B 261 -21.37 5.63 -6.22
CA GLU B 261 -21.74 4.26 -5.85
C GLU B 261 -20.58 3.45 -5.31
N VAL B 262 -20.81 2.79 -4.18
CA VAL B 262 -19.75 2.02 -3.54
C VAL B 262 -20.04 0.53 -3.46
N ASP B 263 -18.98 -0.27 -3.54
CA ASP B 263 -19.05 -1.69 -3.33
C ASP B 263 -18.14 -2.01 -2.15
N ILE B 264 -18.69 -1.92 -0.95
CA ILE B 264 -17.87 -2.16 0.25
C ILE B 264 -18.42 -3.29 1.09
N ARG B 265 -17.50 -4.08 1.65
CA ARG B 265 -17.83 -5.05 2.68
C ARG B 265 -17.57 -4.40 4.04
N VAL B 266 -18.61 -4.29 4.85
CA VAL B 266 -18.52 -3.61 6.13
C VAL B 266 -18.23 -4.56 7.28
N ILE B 267 -17.20 -4.24 8.04
CA ILE B 267 -16.94 -4.93 9.29
C ILE B 267 -16.97 -3.86 10.36
N SER B 268 -17.69 -4.12 11.44
CA SER B 268 -17.83 -3.17 12.53
C SER B 268 -17.35 -3.82 13.80
N ALA B 269 -16.88 -3.03 14.75
CA ALA B 269 -16.43 -3.59 16.02
C ALA B 269 -17.00 -2.79 17.16
N THR B 270 -17.31 -3.48 18.24
CA THR B 270 -17.87 -2.83 19.40
C THR B 270 -17.34 -3.50 20.66
N ASN B 271 -17.28 -2.73 21.73
CA ASN B 271 -16.99 -3.28 23.06
C ASN B 271 -18.20 -3.11 23.97
N LYS B 272 -19.33 -2.76 23.37
CA LYS B 272 -20.59 -2.66 24.09
C LYS B 272 -21.48 -3.80 23.63
N ASN B 273 -22.70 -3.84 24.15
CA ASN B 273 -23.70 -4.75 23.64
C ASN B 273 -24.79 -3.95 22.95
N LEU B 274 -24.68 -3.83 21.63
CA LEU B 274 -25.60 -3.03 20.83
C LEU B 274 -27.07 -3.43 20.95
N GLU B 275 -27.34 -4.67 21.34
CA GLU B 275 -28.71 -5.10 21.61
C GLU B 275 -29.27 -4.35 22.83
N GLU B 276 -28.37 -3.97 23.73
CA GLU B 276 -28.75 -3.18 24.89
C GLU B 276 -28.80 -1.70 24.57
N GLU B 277 -27.95 -1.27 23.64
CA GLU B 277 -27.91 0.14 23.26
C GLU B 277 -29.18 0.53 22.53
N ILE B 278 -29.82 -0.45 21.91
CA ILE B 278 -31.07 -0.20 21.20
C ILE B 278 -32.22 0.01 22.19
N LYS B 279 -32.23 -0.77 23.25
CA LYS B 279 -33.23 -0.61 24.30
C LYS B 279 -33.04 0.74 25.00
N LYS B 280 -31.77 1.15 25.12
CA LYS B 280 -31.43 2.44 25.71
C LYS B 280 -31.68 3.55 24.69
N GLY B 281 -32.14 3.17 23.50
CA GLY B 281 -32.37 4.11 22.43
C GLY B 281 -31.10 4.81 21.94
N ASN B 282 -29.97 4.13 22.05
CA ASN B 282 -28.69 4.71 21.66
C ASN B 282 -28.22 4.27 20.27
N PHE B 283 -28.95 3.32 19.69
CA PHE B 283 -28.53 2.68 18.44
C PHE B 283 -29.75 2.11 17.74
N ARG B 284 -29.82 2.29 16.43
CA ARG B 284 -30.99 1.88 15.66
C ARG B 284 -31.04 0.37 15.40
N GLU B 285 -32.18 -0.26 15.66
CA GLU B 285 -32.35 -1.69 15.41
C GLU B 285 -32.04 -2.07 13.98
N ASP B 286 -32.55 -1.28 13.04
CA ASP B 286 -32.41 -1.57 11.62
C ASP B 286 -30.96 -1.57 11.16
N LEU B 287 -30.17 -0.61 11.64
CA LEU B 287 -28.76 -0.54 11.28
C LEU B 287 -28.04 -1.73 11.89
N TYR B 288 -28.42 -2.06 13.12
CA TYR B 288 -27.76 -3.11 13.86
C TYR B 288 -27.95 -4.42 13.13
N TYR B 289 -29.17 -4.64 12.65
CA TYR B 289 -29.50 -5.86 11.94
C TYR B 289 -28.72 -5.93 10.65
N ARG B 290 -28.53 -4.79 10.00
CA ARG B 290 -27.73 -4.78 8.78
C ARG B 290 -26.26 -5.07 9.06
N LEU B 291 -25.76 -4.61 10.21
CA LEU B 291 -24.34 -4.74 10.54
C LEU B 291 -24.00 -6.09 11.16
N SER B 292 -25.02 -6.83 11.61
CA SER B 292 -24.79 -8.03 12.41
C SER B 292 -25.24 -9.32 11.73
N VAL B 293 -25.29 -9.30 10.40
CA VAL B 293 -25.63 -10.51 9.66
C VAL B 293 -24.71 -11.67 10.06
N PHE B 294 -23.41 -11.38 10.16
CA PHE B 294 -22.50 -12.31 10.82
C PHE B 294 -21.99 -11.68 12.11
N GLN B 295 -21.77 -12.49 13.13
CA GLN B 295 -21.24 -11.99 14.38
C GLN B 295 -20.05 -12.81 14.81
N ILE B 296 -19.11 -12.16 15.50
CA ILE B 296 -18.01 -12.86 16.12
C ILE B 296 -17.78 -12.25 17.49
N TYR B 297 -17.70 -13.11 18.49
CA TYR B 297 -17.42 -12.69 19.84
C TYR B 297 -15.99 -13.06 20.21
N LEU B 298 -15.14 -12.06 20.47
CA LEU B 298 -13.78 -12.34 20.95
C LEU B 298 -13.74 -12.24 22.46
N PRO B 299 -13.38 -13.35 23.12
CA PRO B 299 -13.30 -13.43 24.57
C PRO B 299 -12.13 -12.62 25.12
N PRO B 300 -12.32 -12.05 26.31
CA PRO B 300 -11.22 -11.39 27.00
C PRO B 300 -10.06 -12.35 27.17
N LEU B 301 -8.86 -11.80 27.21
CA LEU B 301 -7.66 -12.58 27.45
C LEU B 301 -7.82 -13.57 28.62
N ARG B 302 -8.43 -13.11 29.72
CA ARG B 302 -8.57 -13.92 30.93
C ARG B 302 -9.51 -15.11 30.77
N GLU B 303 -10.26 -15.16 29.66
CA GLU B 303 -11.12 -16.32 29.41
C GLU B 303 -10.47 -17.24 28.37
N ARG B 304 -9.17 -17.11 28.18
CA ARG B 304 -8.47 -17.85 27.11
C ARG B 304 -7.43 -18.83 27.61
N GLY B 305 -7.51 -19.21 28.87
CA GLY B 305 -6.67 -20.26 29.40
C GLY B 305 -5.19 -19.93 29.31
N LYS B 306 -4.43 -20.83 28.68
CA LYS B 306 -2.98 -20.66 28.57
C LYS B 306 -2.55 -19.83 27.35
N ASP B 307 -3.50 -19.26 26.61
CA ASP B 307 -3.12 -18.36 25.52
C ASP B 307 -2.31 -17.16 26.05
N VAL B 308 -2.54 -16.79 27.30
CA VAL B 308 -1.77 -15.69 27.89
C VAL B 308 -0.28 -15.99 27.83
N ILE B 309 0.09 -17.24 28.09
CA ILE B 309 1.48 -17.67 27.98
C ILE B 309 1.95 -17.70 26.52
N LEU B 310 1.17 -18.32 25.64
CA LEU B 310 1.49 -18.38 24.23
C LEU B 310 1.77 -16.98 23.69
N LEU B 311 0.91 -16.04 24.05
CA LEU B 311 1.06 -14.66 23.59
C LEU B 311 2.28 -13.99 24.22
N ALA B 312 2.51 -14.25 25.50
CA ALA B 312 3.65 -13.67 26.20
C ALA B 312 4.96 -14.14 25.56
N GLU B 313 4.99 -15.39 25.15
CA GLU B 313 6.20 -15.92 24.54
C GLU B 313 6.36 -15.43 23.10
N TYR B 314 5.24 -15.17 22.44
CA TYR B 314 5.28 -14.66 21.08
C TYR B 314 5.84 -13.24 21.04
N PHE B 315 5.39 -12.40 21.98
CA PHE B 315 5.83 -11.01 22.04
C PHE B 315 7.28 -10.92 22.52
N LEU B 316 7.62 -11.71 23.53
CA LEU B 316 8.98 -11.73 24.04
C LEU B 316 9.99 -12.03 22.93
N LYS B 317 9.64 -13.00 22.09
CA LYS B 317 10.50 -13.41 20.99
C LYS B 317 10.55 -12.32 19.92
N LYS B 318 9.42 -11.68 19.66
CA LYS B 318 9.36 -10.64 18.66
C LYS B 318 10.18 -9.40 19.05
N PHE B 319 10.05 -8.98 20.32
CA PHE B 319 10.67 -7.75 20.77
C PHE B 319 12.14 -7.91 21.11
N ALA B 320 12.52 -9.10 21.58
CA ALA B 320 13.92 -9.36 21.92
C ALA B 320 14.78 -9.42 20.66
N LYS B 321 14.22 -9.98 19.59
CA LYS B 321 14.90 -10.06 18.31
C LYS B 321 14.97 -8.68 17.67
N GLU B 322 13.90 -7.90 17.86
CA GLU B 322 13.73 -6.62 17.21
C GLU B 322 14.53 -5.51 17.89
N TYR B 323 14.67 -5.61 19.21
CA TYR B 323 15.42 -4.63 19.98
C TYR B 323 16.81 -5.12 20.29
N LYS B 324 17.26 -6.14 19.57
CA LYS B 324 18.59 -6.68 19.72
C LYS B 324 18.89 -6.98 21.18
N LYS B 325 18.09 -7.85 21.77
CA LYS B 325 18.26 -8.24 23.15
C LYS B 325 18.40 -9.75 23.18
N ASN B 326 18.64 -10.32 24.35
CA ASN B 326 18.76 -11.78 24.45
C ASN B 326 18.00 -12.38 25.63
N CYS B 327 16.95 -11.70 26.05
CA CYS B 327 16.01 -12.26 27.03
C CYS B 327 14.93 -13.01 26.27
N PHE B 328 15.09 -14.32 26.16
CA PHE B 328 14.22 -15.12 25.31
C PHE B 328 13.36 -16.13 26.06
N GLU B 329 13.48 -16.18 27.38
CA GLU B 329 12.76 -17.17 28.17
C GLU B 329 11.94 -16.60 29.32
N LEU B 330 10.71 -17.06 29.46
CA LEU B 330 9.86 -16.73 30.61
C LEU B 330 10.07 -17.74 31.73
N SER B 331 10.42 -17.25 32.92
CA SER B 331 10.60 -18.13 34.06
C SER B 331 9.26 -18.75 34.44
N GLU B 332 9.30 -19.87 35.16
CA GLU B 332 8.06 -20.52 35.54
C GLU B 332 7.24 -19.61 36.43
N GLU B 333 7.94 -18.80 37.21
CA GLU B 333 7.28 -17.87 38.13
C GLU B 333 6.56 -16.78 37.36
N THR B 334 7.18 -16.29 36.30
CA THR B 334 6.54 -15.33 35.42
C THR B 334 5.26 -15.88 34.81
N LYS B 335 5.32 -17.12 34.33
CA LYS B 335 4.17 -17.76 33.72
C LYS B 335 3.04 -17.88 34.73
N GLU B 336 3.40 -18.13 35.98
CA GLU B 336 2.44 -18.24 37.07
C GLU B 336 1.76 -16.90 37.34
N TYR B 337 2.57 -15.86 37.40
CA TYR B 337 2.06 -14.53 37.68
C TYR B 337 1.16 -14.04 36.54
N LEU B 338 1.56 -14.33 35.31
CA LEU B 338 0.72 -13.97 34.16
C LEU B 338 -0.66 -14.62 34.27
N MSE B 339 -0.70 -15.88 34.69
CA MSE B 339 -1.93 -16.63 34.74
C MSE B 339 -2.92 -16.08 35.77
O MSE B 339 -4.09 -16.44 35.80
CB MSE B 339 -1.66 -18.12 35.00
CG MSE B 339 -1.04 -18.85 33.83
SE MSE B 339 -2.31 -18.99 32.37
CE MSE B 339 -3.52 -20.29 33.15
N LYS B 340 -2.43 -15.20 36.64
CA LYS B 340 -3.28 -14.72 37.72
C LYS B 340 -3.77 -13.28 37.54
N GLN B 341 -3.40 -12.64 36.43
CA GLN B 341 -3.85 -11.27 36.16
C GLN B 341 -5.23 -11.22 35.51
N GLU B 342 -5.90 -10.08 35.66
CA GLU B 342 -7.21 -9.87 35.07
C GLU B 342 -7.14 -9.41 33.61
N TRP B 343 -6.08 -8.68 33.30
CA TRP B 343 -5.86 -8.12 31.96
C TRP B 343 -7.06 -7.33 31.47
N LYS B 344 -7.44 -6.27 32.19
CA LYS B 344 -8.50 -5.37 31.74
C LYS B 344 -8.21 -4.73 30.38
N GLY B 345 -6.92 -4.54 30.06
CA GLY B 345 -6.55 -4.01 28.76
C GLY B 345 -6.27 -5.13 27.78
N ASN B 346 -6.52 -6.36 28.20
CA ASN B 346 -6.40 -7.52 27.35
C ASN B 346 -5.06 -7.71 26.62
N VAL B 347 -5.09 -8.01 25.33
CA VAL B 347 -3.86 -8.29 24.59
C VAL B 347 -3.00 -7.04 24.47
N ARG B 348 -3.66 -5.89 24.33
CA ARG B 348 -2.95 -4.60 24.28
C ARG B 348 -2.13 -4.42 25.56
N GLU B 349 -2.76 -4.71 26.70
CA GLU B 349 -2.05 -4.59 27.99
C GLU B 349 -0.88 -5.57 28.09
N LEU B 350 -1.11 -6.81 27.69
CA LEU B 350 -0.06 -7.83 27.73
C LEU B 350 1.13 -7.46 26.85
N LYS B 351 0.84 -7.07 25.61
CA LYS B 351 1.87 -6.77 24.64
C LYS B 351 2.79 -5.67 25.17
N ASN B 352 2.18 -4.58 25.61
CA ASN B 352 2.93 -3.46 26.16
C ASN B 352 3.74 -3.84 27.39
N LEU B 353 3.19 -4.71 28.24
CA LEU B 353 3.88 -5.18 29.43
C LEU B 353 5.13 -5.97 29.05
N ILE B 354 5.03 -6.78 28.01
CA ILE B 354 6.17 -7.60 27.64
C ILE B 354 7.24 -6.76 26.92
N GLU B 355 6.79 -5.76 26.18
CA GLU B 355 7.70 -4.88 25.48
C GLU B 355 8.49 -4.12 26.53
N ARG B 356 7.80 -3.64 27.53
CA ARG B 356 8.41 -3.04 28.70
C ARG B 356 9.52 -3.94 29.22
N ALA B 357 9.17 -5.19 29.53
CA ALA B 357 10.15 -6.16 30.03
C ALA B 357 11.39 -6.26 29.13
N VAL B 358 11.18 -6.25 27.82
CA VAL B 358 12.29 -6.44 26.88
C VAL B 358 13.13 -5.18 26.76
N ILE B 359 12.48 -4.03 26.86
CA ILE B 359 13.17 -2.76 26.80
C ILE B 359 14.11 -2.59 27.99
N LEU B 360 13.64 -2.99 29.17
CA LEU B 360 14.45 -2.93 30.39
C LEU B 360 15.23 -4.22 30.59
N CYS B 361 15.23 -5.08 29.57
CA CYS B 361 15.77 -6.43 29.71
C CYS B 361 17.25 -6.46 30.05
N GLU B 362 17.59 -7.31 31.03
CA GLU B 362 18.98 -7.46 31.45
C GLU B 362 19.60 -8.77 30.98
N GLY B 363 19.25 -9.86 31.64
CA GLY B 363 19.80 -11.16 31.33
C GLY B 363 19.16 -11.86 30.14
N GLU B 364 18.76 -13.12 30.34
CA GLU B 364 18.14 -13.90 29.28
C GLU B 364 16.80 -14.41 29.77
N VAL B 365 16.46 -14.08 31.01
CA VAL B 365 15.20 -14.51 31.61
C VAL B 365 14.46 -13.37 32.31
N ILE B 366 13.15 -13.38 32.16
CA ILE B 366 12.28 -12.38 32.75
C ILE B 366 11.51 -12.97 33.94
N LYS B 367 11.54 -12.28 35.08
CA LYS B 367 11.00 -12.87 36.32
C LYS B 367 9.89 -12.06 37.02
N PRO B 368 10.09 -10.74 37.19
CA PRO B 368 9.17 -9.94 38.02
C PRO B 368 7.70 -10.24 37.74
PB ADP C . 14.98 3.51 15.70
O1B ADP C . 14.47 3.46 14.27
O2B ADP C . 15.50 2.20 16.22
O3B ADP C . 15.93 4.63 15.97
PA ADP C . 12.16 3.93 16.22
O1A ADP C . 11.85 5.26 15.58
O2A ADP C . 11.80 2.69 15.44
O3A ADP C . 13.72 3.91 16.65
O5' ADP C . 11.40 3.87 17.63
C5' ADP C . 10.75 5.01 18.17
C4' ADP C . 9.25 4.81 18.30
O4' ADP C . 8.72 6.07 18.68
C3' ADP C . 8.63 4.54 16.95
O3' ADP C . 7.33 3.98 17.14
C2' ADP C . 8.41 5.89 16.33
O2' ADP C . 7.14 5.84 15.67
C1' ADP C . 8.30 6.80 17.52
N9 ADP C . 9.18 7.99 17.39
C8 ADP C . 10.52 7.98 17.42
N7 ADP C . 11.04 9.22 17.31
C5 ADP C . 10.00 10.06 17.19
C6 ADP C . 9.84 11.53 17.03
N6 ADP C . 10.93 12.34 16.96
N1 ADP C . 8.59 12.01 16.95
C2 ADP C . 7.51 11.20 17.01
N3 ADP C . 7.58 9.86 17.16
C4 ADP C . 8.77 9.25 17.26
PB ADP D . -8.76 -4.16 19.56
O1B ADP D . -8.85 -3.89 18.07
O2B ADP D . -8.94 -2.94 20.44
O3B ADP D . -9.47 -5.39 20.05
PA ADP D . -6.12 -4.60 18.65
O1A ADP D . -6.61 -5.43 17.45
O2A ADP D . -5.76 -3.16 18.45
O3A ADP D . -7.24 -4.64 19.80
O5' ADP D . -4.94 -5.37 19.45
C5' ADP D . -3.94 -4.66 20.19
C4' ADP D . -2.54 -5.13 19.80
O4' ADP D . -2.37 -6.51 20.12
C3' ADP D . -2.34 -5.02 18.29
O3' ADP D . -1.04 -4.50 18.03
C2' ADP D . -2.45 -6.44 17.78
O2' ADP D . -1.62 -6.65 16.63
C1' ADP D . -2.03 -7.28 18.97
N9 ADP D . -2.78 -8.56 19.06
C8 ADP D . -4.04 -8.66 19.52
N7 ADP D . -4.46 -9.95 19.51
C5 ADP D . -3.44 -10.70 19.06
C6 ADP D . -3.25 -12.15 18.80
N6 ADP D . -4.25 -13.05 19.07
N1 ADP D . -2.04 -12.53 18.32
C2 ADP D . -1.06 -11.64 18.08
N3 ADP D . -1.18 -10.32 18.28
C4 ADP D . -2.33 -9.79 18.76
NA NA E . -18.81 0.69 20.34
#